data_5WWT
#
_entry.id   5WWT
#
_cell.length_a   205.586
_cell.length_b   170.117
_cell.length_c   76.909
_cell.angle_alpha   90.000
_cell.angle_beta   108.190
_cell.angle_gamma   90.000
#
_symmetry.space_group_name_H-M   'C 1 2 1'
#
loop_
_entity.id
_entity.type
_entity.pdbx_description
1 polymer 'Putative methyltransferase NSUN6'
2 polymer tRNA
#
loop_
_entity_poly.entity_id
_entity_poly.type
_entity_poly.pdbx_seq_one_letter_code
_entity_poly.pdbx_strand_id
1 'polypeptide(L)'
;MSIFPKISLRPEVENYLKEGFMNKEIVTALGKQEAERKFETLLKHLSHPPSFTTVRVNTHLASVQHVKNLLLDELQKQFN
GLSVPILQHPDLQDVLLIPVIGPRKNIKKQQCEAIVGAQCGNAVLRGAHVYAPGIVSASQFMKAGDVISVYSDIKGKCKK
GAKEFDGTKVFLGNGISELSRKEIFSGLPELKGMGIRMTEPVYLSPSFDSVLPRYLFLQNLPSALVSHVLNPQPGEKILD
LCAAPGGKTTHIAALMHDQGEVIALDKIFNKVEKIKQNALLLGLNSIRAFCFDGTKAVKLDMVEDTEGEPPFLPESFDRI
LLDAPCSGMGQRPNMACTWSVKEVASYQPLQRKLFTAAVQLLKPEGVLVYSTCTITLAENEEQVAWALTKFPCLQLQPQE
PQIGGEGMRGAGLSCEQLKQLQRFDPSAVPLPDTDMDSLREARREDMLRLANKDSIGFFIAKFVKCKSTLEHHHHHH
;
A,B
2 'polyribonucleotide' GAGGGUAUAGCUCAGGGGUAGAGCAUUUGACUGCAGAUCAAGAGGUCCCUGGUUCAAAUCCAGGUGCCCUCUCCA C,D
#
loop_
_chem_comp.id
_chem_comp.type
_chem_comp.name
_chem_comp.formula
A RNA linking ADENOSINE-5'-MONOPHOSPHATE 'C10 H14 N5 O7 P'
C RNA linking CYTIDINE-5'-MONOPHOSPHATE 'C9 H14 N3 O8 P'
G RNA linking GUANOSINE-5'-MONOPHOSPHATE 'C10 H14 N5 O8 P'
U RNA linking URIDINE-5'-MONOPHOSPHATE 'C9 H13 N2 O9 P'
#
# COMPACT_ATOMS: atom_id res chain seq x y z
N SER A 2 -15.08 30.60 -2.83
CA SER A 2 -16.08 30.47 -3.88
C SER A 2 -17.46 30.93 -3.41
N ILE A 3 -18.29 29.96 -3.05
CA ILE A 3 -19.71 30.22 -2.77
C ILE A 3 -19.97 30.79 -1.37
N PHE A 4 -19.26 30.28 -0.37
CA PHE A 4 -19.49 30.68 1.01
C PHE A 4 -18.55 31.81 1.45
N PRO A 5 -19.00 32.63 2.40
CA PRO A 5 -18.17 33.70 2.98
C PRO A 5 -17.10 33.16 3.92
N LYS A 6 -16.33 34.04 4.56
CA LYS A 6 -15.34 33.60 5.53
C LYS A 6 -16.03 33.03 6.77
N ILE A 7 -15.26 32.32 7.60
CA ILE A 7 -15.81 31.71 8.79
C ILE A 7 -16.16 32.77 9.83
N SER A 8 -17.41 32.75 10.30
CA SER A 8 -17.89 33.74 11.24
C SER A 8 -17.30 33.53 12.62
N LEU A 9 -16.34 34.38 12.98
CA LEU A 9 -15.68 34.29 14.28
C LEU A 9 -15.94 35.53 15.12
N ARG A 10 -15.90 35.36 16.44
CA ARG A 10 -15.92 36.51 17.34
C ARG A 10 -14.70 37.36 17.03
N PRO A 11 -14.84 38.70 17.16
CA PRO A 11 -13.74 39.62 16.85
C PRO A 11 -12.48 39.27 17.63
N GLU A 12 -12.65 39.00 18.92
CA GLU A 12 -11.55 38.62 19.80
C GLU A 12 -10.86 37.34 19.31
N VAL A 13 -11.64 36.35 18.91
CA VAL A 13 -11.11 35.08 18.40
C VAL A 13 -10.31 35.27 17.11
N GLU A 14 -10.92 35.96 16.16
CA GLU A 14 -10.28 36.21 14.87
C GLU A 14 -9.00 37.01 15.06
N ASN A 15 -9.01 37.95 16.00
CA ASN A 15 -7.80 38.71 16.30
C ASN A 15 -6.75 37.88 17.01
N TYR A 16 -7.20 36.87 17.76
CA TYR A 16 -6.30 35.92 18.41
C TYR A 16 -5.56 35.10 17.35
N LEU A 17 -6.32 34.47 16.46
CA LEU A 17 -5.74 33.69 15.37
C LEU A 17 -4.84 34.58 14.50
N LYS A 18 -5.27 35.82 14.28
CA LYS A 18 -4.49 36.79 13.53
C LYS A 18 -3.15 37.01 14.20
N GLU A 19 -3.16 37.19 15.51
CA GLU A 19 -1.94 37.33 16.29
C GLU A 19 -1.06 36.09 16.11
N GLY A 20 -1.70 34.93 15.99
CA GLY A 20 -0.99 33.70 15.73
C GLY A 20 -0.25 33.67 14.41
N PHE A 21 -0.96 33.99 13.33
CA PHE A 21 -0.39 33.87 11.98
C PHE A 21 0.40 35.09 11.53
N MET A 22 0.43 36.13 12.34
CA MET A 22 1.13 37.36 11.99
C MET A 22 2.27 37.67 12.96
N ASN A 23 2.85 36.63 13.54
CA ASN A 23 3.93 36.80 14.50
C ASN A 23 5.21 37.34 13.84
N LYS A 24 6.18 37.73 14.68
CA LYS A 24 7.42 38.33 14.22
C LYS A 24 8.15 37.51 13.16
N GLU A 25 8.22 36.20 13.38
CA GLU A 25 8.98 35.31 12.51
C GLU A 25 8.38 35.23 11.10
N ILE A 26 7.07 35.01 11.03
CA ILE A 26 6.38 34.92 9.74
C ILE A 26 6.44 36.25 9.00
N VAL A 27 6.23 37.34 9.73
CA VAL A 27 6.34 38.68 9.16
C VAL A 27 7.72 38.90 8.56
N THR A 28 8.75 38.50 9.31
CA THR A 28 10.12 38.61 8.86
C THR A 28 10.37 37.81 7.59
N ALA A 29 9.88 36.57 7.56
CA ALA A 29 10.16 35.67 6.44
C ALA A 29 9.25 35.89 5.23
N LEU A 30 8.20 36.69 5.37
CA LEU A 30 7.21 36.82 4.30
C LEU A 30 6.69 38.24 4.09
N GLY A 31 6.71 39.06 5.13
CA GLY A 31 6.15 40.39 5.06
C GLY A 31 4.67 40.41 5.38
N LYS A 32 4.23 41.47 6.07
CA LYS A 32 2.85 41.61 6.50
C LYS A 32 1.84 41.51 5.37
N GLN A 33 2.13 42.18 4.25
CA GLN A 33 1.23 42.21 3.10
C GLN A 33 0.93 40.80 2.57
N GLU A 34 1.85 39.88 2.77
CA GLU A 34 1.71 38.51 2.30
C GLU A 34 1.00 37.65 3.34
N ALA A 35 1.54 37.65 4.56
CA ALA A 35 1.00 36.89 5.67
C ALA A 35 -0.48 37.19 5.92
N GLU A 36 -0.85 38.46 5.79
CA GLU A 36 -2.25 38.87 5.98
C GLU A 36 -3.17 38.19 4.96
N ARG A 37 -2.77 38.19 3.69
CA ARG A 37 -3.56 37.56 2.64
C ARG A 37 -3.61 36.06 2.85
N LYS A 38 -2.51 35.50 3.35
CA LYS A 38 -2.46 34.08 3.67
C LYS A 38 -3.51 33.74 4.72
N PHE A 39 -3.54 34.53 5.79
CA PHE A 39 -4.49 34.37 6.87
C PHE A 39 -5.94 34.50 6.39
N GLU A 40 -6.21 35.54 5.62
CA GLU A 40 -7.55 35.78 5.08
C GLU A 40 -8.00 34.66 4.16
N THR A 41 -7.07 34.16 3.34
CA THR A 41 -7.34 33.04 2.45
C THR A 41 -7.69 31.80 3.26
N LEU A 42 -6.94 31.58 4.34
CA LEU A 42 -7.25 30.50 5.29
C LEU A 42 -8.67 30.62 5.80
N LEU A 43 -9.02 31.79 6.33
CA LEU A 43 -10.36 32.04 6.86
C LEU A 43 -11.43 31.85 5.79
N LYS A 44 -11.07 32.08 4.53
CA LYS A 44 -12.01 31.95 3.43
C LYS A 44 -12.21 30.47 3.05
N HIS A 45 -11.16 29.68 3.23
CA HIS A 45 -11.21 28.25 2.86
C HIS A 45 -11.89 27.38 3.91
N LEU A 46 -11.80 27.80 5.17
CA LEU A 46 -12.36 27.02 6.28
C LEU A 46 -13.87 26.84 6.20
N SER A 47 -14.54 27.71 5.44
CA SER A 47 -15.99 27.65 5.34
C SER A 47 -16.45 26.62 4.32
N HIS A 48 -15.50 26.11 3.53
CA HIS A 48 -15.83 25.21 2.44
C HIS A 48 -15.35 23.79 2.72
N PRO A 49 -16.16 22.79 2.33
CA PRO A 49 -15.83 21.37 2.49
C PRO A 49 -14.57 21.00 1.73
N PRO A 50 -13.86 19.95 2.19
CA PRO A 50 -12.74 19.42 1.41
C PRO A 50 -13.25 18.89 0.07
N SER A 51 -12.43 18.99 -0.97
CA SER A 51 -12.85 18.62 -2.31
C SER A 51 -12.79 17.12 -2.55
N PHE A 52 -12.50 16.36 -1.49
CA PHE A 52 -12.39 14.92 -1.62
C PHE A 52 -12.97 14.16 -0.43
N THR A 53 -13.92 13.29 -0.73
CA THR A 53 -14.41 12.31 0.23
C THR A 53 -13.40 11.18 0.35
N THR A 54 -12.74 11.10 1.52
CA THR A 54 -11.70 10.10 1.73
C THR A 54 -12.17 9.00 2.67
N VAL A 55 -12.11 7.75 2.21
CA VAL A 55 -12.59 6.63 3.02
C VAL A 55 -11.45 5.64 3.28
N ARG A 56 -11.39 5.13 4.51
CA ARG A 56 -10.38 4.13 4.86
C ARG A 56 -10.92 2.72 4.73
N VAL A 57 -10.15 1.86 4.06
CA VAL A 57 -10.53 0.46 3.88
C VAL A 57 -10.08 -0.38 5.06
N ASN A 58 -10.99 -1.22 5.57
CA ASN A 58 -10.67 -2.13 6.66
C ASN A 58 -9.99 -3.39 6.11
N THR A 59 -8.68 -3.29 5.94
CA THR A 59 -7.89 -4.35 5.31
C THR A 59 -7.97 -5.69 6.04
N HIS A 60 -8.42 -5.68 7.29
CA HIS A 60 -8.48 -6.89 8.09
C HIS A 60 -9.75 -7.70 7.80
N LEU A 61 -10.60 -7.19 6.92
CA LEU A 61 -11.82 -7.89 6.55
C LEU A 61 -12.02 -7.91 5.05
N ALA A 62 -11.50 -6.90 4.36
CA ALA A 62 -11.59 -6.84 2.91
C ALA A 62 -10.43 -6.04 2.32
N SER A 63 -10.02 -6.42 1.11
CA SER A 63 -8.91 -5.75 0.43
C SER A 63 -9.36 -4.43 -0.19
N VAL A 64 -8.39 -3.59 -0.52
CA VAL A 64 -8.67 -2.28 -1.11
C VAL A 64 -9.35 -2.41 -2.47
N GLN A 65 -8.94 -3.42 -3.23
CA GLN A 65 -9.49 -3.64 -4.57
C GLN A 65 -10.97 -4.02 -4.50
N HIS A 66 -11.27 -4.99 -3.64
CA HIS A 66 -12.64 -5.49 -3.45
C HIS A 66 -13.57 -4.37 -3.03
N VAL A 67 -13.18 -3.68 -1.96
CA VAL A 67 -13.93 -2.54 -1.44
C VAL A 67 -14.10 -1.45 -2.50
N LYS A 68 -13.06 -1.24 -3.31
CA LYS A 68 -13.12 -0.24 -4.37
C LYS A 68 -14.19 -0.59 -5.39
N ASN A 69 -14.26 -1.85 -5.79
CA ASN A 69 -15.28 -2.30 -6.73
C ASN A 69 -16.69 -2.21 -6.14
N LEU A 70 -16.84 -2.64 -4.89
CA LEU A 70 -18.12 -2.56 -4.22
C LEU A 70 -18.60 -1.11 -4.12
N LEU A 71 -17.66 -0.21 -3.84
CA LEU A 71 -17.97 1.21 -3.78
C LEU A 71 -18.27 1.77 -5.15
N LEU A 72 -17.70 1.16 -6.19
CA LEU A 72 -18.03 1.55 -7.55
C LEU A 72 -19.49 1.23 -7.85
N ASP A 73 -19.91 0.03 -7.45
CA ASP A 73 -21.32 -0.36 -7.60
C ASP A 73 -22.22 0.56 -6.79
N GLU A 74 -21.83 0.83 -5.54
CA GLU A 74 -22.58 1.71 -4.66
C GLU A 74 -22.76 3.12 -5.24
N LEU A 75 -21.67 3.69 -5.73
CA LEU A 75 -21.72 5.02 -6.34
C LEU A 75 -22.57 5.00 -7.61
N GLN A 76 -22.52 3.88 -8.34
CA GLN A 76 -23.38 3.71 -9.50
C GLN A 76 -24.85 3.80 -9.09
N LYS A 77 -25.18 3.16 -7.97
CA LYS A 77 -26.54 3.18 -7.45
C LYS A 77 -26.98 4.57 -6.98
N GLN A 78 -26.20 5.16 -6.08
CA GLN A 78 -26.55 6.44 -5.46
C GLN A 78 -26.67 7.59 -6.47
N PHE A 79 -25.67 7.72 -7.32
CA PHE A 79 -25.60 8.84 -8.26
C PHE A 79 -26.37 8.58 -9.55
N ASN A 80 -27.21 7.53 -9.53
CA ASN A 80 -28.07 7.19 -10.66
C ASN A 80 -27.36 7.08 -12.00
N GLY A 81 -26.13 6.60 -11.99
CA GLY A 81 -25.39 6.36 -13.21
C GLY A 81 -24.39 7.44 -13.59
N LEU A 82 -24.04 8.29 -12.63
CA LEU A 82 -23.00 9.28 -12.86
C LEU A 82 -21.64 8.60 -12.96
N SER A 83 -20.60 9.37 -13.26
CA SER A 83 -19.28 8.77 -13.44
C SER A 83 -18.21 9.54 -12.67
N VAL A 84 -18.15 9.30 -11.37
CA VAL A 84 -17.06 9.83 -10.55
C VAL A 84 -16.06 8.72 -10.23
N PRO A 85 -14.76 9.04 -10.31
CA PRO A 85 -13.70 8.04 -10.11
C PRO A 85 -13.44 7.74 -8.64
N ILE A 86 -12.78 6.62 -8.37
CA ILE A 86 -12.33 6.30 -7.03
C ILE A 86 -10.84 6.01 -7.06
N LEU A 87 -10.02 7.02 -6.80
CA LEU A 87 -8.58 6.89 -6.83
C LEU A 87 -8.06 6.15 -5.60
N GLN A 88 -6.87 5.54 -5.75
CA GLN A 88 -6.18 4.94 -4.62
C GLN A 88 -4.89 5.71 -4.35
N HIS A 89 -4.72 6.14 -3.10
CA HIS A 89 -3.57 6.93 -2.73
C HIS A 89 -2.29 6.09 -2.83
N PRO A 90 -1.26 6.64 -3.49
CA PRO A 90 0.00 5.91 -3.69
C PRO A 90 0.83 5.82 -2.43
N ASP A 91 0.62 6.75 -1.49
CA ASP A 91 1.38 6.77 -0.25
C ASP A 91 0.58 6.15 0.88
N LEU A 92 -0.71 6.45 0.94
CA LEU A 92 -1.60 5.81 1.91
C LEU A 92 -2.32 4.65 1.25
N GLN A 93 -1.77 3.46 1.42
CA GLN A 93 -2.17 2.27 0.67
C GLN A 93 -3.61 1.83 0.92
N ASP A 94 -4.12 2.09 2.12
CA ASP A 94 -5.47 1.67 2.49
C ASP A 94 -6.50 2.79 2.45
N VAL A 95 -6.22 3.83 1.67
CA VAL A 95 -7.12 4.97 1.58
C VAL A 95 -7.67 5.19 0.18
N LEU A 96 -8.99 5.25 0.06
CA LEU A 96 -9.65 5.56 -1.21
C LEU A 96 -10.11 7.01 -1.27
N LEU A 97 -10.09 7.58 -2.47
CA LEU A 97 -10.41 8.99 -2.67
C LEU A 97 -11.48 9.18 -3.73
N ILE A 98 -12.57 9.86 -3.35
CA ILE A 98 -13.64 10.18 -4.28
C ILE A 98 -13.82 11.68 -4.40
N PRO A 99 -13.74 12.22 -5.63
CA PRO A 99 -13.82 13.68 -5.76
C PRO A 99 -15.22 14.22 -5.51
N VAL A 100 -15.29 15.43 -4.95
CA VAL A 100 -16.57 16.03 -4.59
C VAL A 100 -17.05 16.98 -5.68
N ILE A 101 -18.25 16.72 -6.19
CA ILE A 101 -18.82 17.53 -7.26
C ILE A 101 -19.60 18.73 -6.72
N GLY A 102 -19.07 19.91 -6.99
CA GLY A 102 -19.68 21.14 -6.50
C GLY A 102 -18.69 22.29 -6.51
N PRO A 103 -19.16 23.49 -6.16
CA PRO A 103 -20.54 23.77 -5.72
C PRO A 103 -21.50 23.98 -6.90
N ARG A 104 -22.78 23.77 -6.65
CA ARG A 104 -23.81 24.03 -7.66
C ARG A 104 -24.59 25.27 -7.27
N LYS A 105 -24.49 26.30 -8.10
CA LYS A 105 -25.11 27.59 -7.80
C LYS A 105 -26.45 27.72 -8.51
N ASN A 106 -26.83 26.68 -9.25
CA ASN A 106 -28.06 26.71 -10.03
C ASN A 106 -29.21 25.96 -9.37
N ILE A 107 -29.19 25.90 -8.04
CA ILE A 107 -30.23 25.19 -7.30
C ILE A 107 -31.40 26.13 -6.98
N LYS A 108 -32.59 25.76 -7.45
CA LYS A 108 -33.78 26.59 -7.24
C LYS A 108 -34.37 26.36 -5.86
N LYS A 109 -34.39 27.41 -5.04
CA LYS A 109 -34.84 27.30 -3.66
C LYS A 109 -36.36 27.16 -3.58
N GLN A 110 -36.82 26.12 -2.88
CA GLN A 110 -38.23 25.88 -2.70
C GLN A 110 -38.80 26.71 -1.55
N GLN A 111 -40.13 26.74 -1.44
CA GLN A 111 -40.79 27.53 -0.40
C GLN A 111 -40.92 26.77 0.90
N CYS A 112 -40.99 25.45 0.83
CA CYS A 112 -41.05 24.63 2.03
C CYS A 112 -39.64 24.45 2.56
N GLU A 113 -39.38 24.96 3.75
CA GLU A 113 -38.02 24.99 4.28
C GLU A 113 -37.84 24.13 5.53
N ALA A 114 -36.60 23.74 5.77
CA ALA A 114 -36.23 23.02 6.99
C ALA A 114 -34.87 23.48 7.47
N ILE A 115 -34.69 23.54 8.79
CA ILE A 115 -33.44 24.02 9.37
C ILE A 115 -32.81 22.98 10.27
N VAL A 116 -31.54 22.67 10.01
CA VAL A 116 -30.81 21.70 10.81
C VAL A 116 -29.76 22.37 11.68
N GLY A 117 -29.18 21.63 12.60
CA GLY A 117 -28.08 22.13 13.42
C GLY A 117 -26.85 22.34 12.57
N ALA A 118 -25.94 23.17 13.05
CA ALA A 118 -24.71 23.48 12.32
C ALA A 118 -23.92 22.22 11.99
N GLN A 119 -23.77 21.35 12.98
CA GLN A 119 -23.07 20.08 12.81
C GLN A 119 -23.70 19.23 11.72
N CYS A 120 -25.03 19.09 11.79
CA CYS A 120 -25.76 18.32 10.79
C CYS A 120 -25.60 18.95 9.41
N GLY A 121 -25.58 20.28 9.36
CA GLY A 121 -25.35 20.99 8.12
C GLY A 121 -24.01 20.64 7.51
N ASN A 122 -22.96 20.74 8.32
CA ASN A 122 -21.61 20.35 7.90
C ASN A 122 -21.58 18.91 7.39
N ALA A 123 -22.31 18.02 8.06
CA ALA A 123 -22.40 16.64 7.61
C ALA A 123 -23.06 16.55 6.23
N VAL A 124 -24.12 17.33 6.04
CA VAL A 124 -24.84 17.33 4.76
C VAL A 124 -23.94 17.81 3.62
N LEU A 125 -23.13 18.82 3.91
CA LEU A 125 -22.18 19.34 2.92
C LEU A 125 -21.15 18.28 2.54
N ARG A 126 -20.92 17.33 3.44
CA ARG A 126 -19.97 16.25 3.20
C ARG A 126 -20.66 15.01 2.64
N GLY A 127 -21.92 15.17 2.23
CA GLY A 127 -22.62 14.11 1.53
C GLY A 127 -23.58 13.30 2.37
N ALA A 128 -23.92 13.78 3.56
CA ALA A 128 -24.85 13.08 4.43
C ALA A 128 -26.29 13.52 4.18
N HIS A 129 -27.24 12.64 4.50
CA HIS A 129 -28.65 12.99 4.48
C HIS A 129 -29.04 13.62 5.81
N VAL A 130 -30.27 14.12 5.90
CA VAL A 130 -30.74 14.73 7.12
C VAL A 130 -31.61 13.76 7.91
N TYR A 131 -31.06 13.21 8.99
CA TYR A 131 -31.78 12.28 9.83
C TYR A 131 -32.53 13.04 10.93
N ALA A 132 -33.64 12.45 11.39
CA ALA A 132 -34.59 13.11 12.30
C ALA A 132 -33.98 13.90 13.47
N PRO A 133 -32.98 13.34 14.18
CA PRO A 133 -32.47 14.11 15.32
C PRO A 133 -31.75 15.41 14.93
N GLY A 134 -31.55 15.63 13.64
CA GLY A 134 -30.80 16.79 13.18
C GLY A 134 -31.68 18.00 12.90
N ILE A 135 -32.94 17.74 12.57
CA ILE A 135 -33.88 18.82 12.28
C ILE A 135 -34.28 19.57 13.55
N VAL A 136 -34.05 20.88 13.55
CA VAL A 136 -34.40 21.71 14.70
C VAL A 136 -35.52 22.68 14.36
N SER A 137 -35.84 22.78 13.08
CA SER A 137 -36.93 23.65 12.62
C SER A 137 -37.44 23.22 11.25
N ALA A 138 -38.71 23.46 10.99
CA ALA A 138 -39.33 23.09 9.72
C ALA A 138 -40.62 23.86 9.49
N SER A 139 -40.96 24.06 8.22
CA SER A 139 -42.23 24.67 7.84
C SER A 139 -43.40 23.90 8.43
N GLN A 140 -44.36 24.61 9.02
CA GLN A 140 -45.46 23.98 9.73
C GLN A 140 -46.40 23.22 8.81
N PHE A 141 -46.30 23.47 7.51
CA PHE A 141 -47.18 22.85 6.53
C PHE A 141 -46.49 21.73 5.77
N MET A 142 -45.35 21.27 6.30
CA MET A 142 -44.57 20.25 5.62
C MET A 142 -45.17 18.85 5.78
N LYS A 143 -45.35 18.16 4.65
CA LYS A 143 -45.79 16.78 4.67
C LYS A 143 -44.71 15.87 4.09
N ALA A 144 -44.75 14.59 4.44
CA ALA A 144 -43.79 13.63 3.91
C ALA A 144 -43.91 13.53 2.39
N GLY A 145 -42.79 13.74 1.71
CA GLY A 145 -42.77 13.69 0.26
C GLY A 145 -42.55 15.05 -0.37
N ASP A 146 -42.72 16.10 0.42
CA ASP A 146 -42.56 17.47 -0.06
C ASP A 146 -41.11 17.77 -0.41
N VAL A 147 -40.90 18.33 -1.60
CA VAL A 147 -39.57 18.78 -1.99
C VAL A 147 -39.22 20.04 -1.22
N ILE A 148 -38.33 19.91 -0.24
CA ILE A 148 -38.01 21.01 0.65
C ILE A 148 -36.57 21.49 0.53
N SER A 149 -36.31 22.70 1.00
CA SER A 149 -34.97 23.27 0.98
C SER A 149 -34.36 23.27 2.37
N VAL A 150 -33.20 22.64 2.50
CA VAL A 150 -32.53 22.54 3.79
C VAL A 150 -31.56 23.69 4.01
N TYR A 151 -31.66 24.33 5.16
CA TYR A 151 -30.75 25.41 5.53
C TYR A 151 -30.00 25.06 6.80
N SER A 152 -28.76 25.56 6.93
CA SER A 152 -27.95 25.28 8.09
C SER A 152 -27.93 26.46 9.06
N ASP A 153 -28.27 26.19 10.32
CA ASP A 153 -28.22 27.20 11.37
C ASP A 153 -26.79 27.31 11.90
N ILE A 154 -25.94 27.98 11.14
CA ILE A 154 -24.50 28.02 11.44
C ILE A 154 -24.18 28.67 12.78
N LYS A 155 -25.07 29.54 13.26
CA LYS A 155 -24.85 30.23 14.53
C LYS A 155 -25.37 29.42 15.71
N GLY A 156 -26.22 28.46 15.41
CA GLY A 156 -26.85 27.64 16.44
C GLY A 156 -27.77 28.47 17.33
N LYS A 157 -28.56 29.33 16.71
CA LYS A 157 -29.41 30.25 17.46
C LYS A 157 -30.89 29.98 17.23
N CYS A 158 -31.20 28.82 16.66
CA CYS A 158 -32.59 28.46 16.40
C CYS A 158 -33.13 27.56 17.49
N LYS A 159 -34.23 27.98 18.09
CA LYS A 159 -34.85 27.22 19.16
C LYS A 159 -35.74 26.13 18.56
N LYS A 160 -35.55 24.89 19.04
CA LYS A 160 -36.19 23.72 18.47
C LYS A 160 -37.71 23.83 18.41
N GLY A 161 -38.29 23.49 17.25
CA GLY A 161 -39.72 23.54 17.08
C GLY A 161 -40.22 24.77 16.34
N ALA A 162 -39.37 25.80 16.30
CA ALA A 162 -39.72 27.09 15.69
C ALA A 162 -40.31 26.94 14.29
N LYS A 163 -41.27 27.79 13.97
CA LYS A 163 -41.92 27.77 12.66
C LYS A 163 -41.36 28.87 11.77
N GLU A 164 -40.49 29.69 12.33
CA GLU A 164 -39.83 30.76 11.58
C GLU A 164 -38.47 31.07 12.18
N PHE A 165 -37.57 31.61 11.37
CA PHE A 165 -36.21 31.89 11.82
C PHE A 165 -35.59 33.05 11.04
N ASP A 166 -35.33 34.15 11.75
CA ASP A 166 -34.79 35.36 11.14
C ASP A 166 -33.26 35.41 11.22
N GLY A 167 -32.68 34.42 11.88
CA GLY A 167 -31.25 34.37 12.08
C GLY A 167 -30.49 34.00 10.81
N THR A 168 -29.24 33.58 10.97
CA THR A 168 -28.38 33.31 9.83
C THR A 168 -28.56 31.89 9.30
N LYS A 169 -28.99 31.78 8.05
CA LYS A 169 -29.17 30.49 7.40
C LYS A 169 -28.20 30.34 6.24
N VAL A 170 -27.83 29.10 5.93
CA VAL A 170 -27.03 28.80 4.75
C VAL A 170 -27.65 27.68 3.95
N PHE A 171 -27.93 27.95 2.68
CA PHE A 171 -28.57 26.97 1.82
C PHE A 171 -27.65 25.78 1.56
N LEU A 172 -28.15 24.58 1.83
CA LEU A 172 -27.35 23.38 1.68
C LEU A 172 -27.80 22.58 0.45
N GLY A 173 -29.02 22.84 0.03
CA GLY A 173 -29.58 22.14 -1.12
C GLY A 173 -31.02 21.69 -0.88
N ASN A 174 -31.57 20.94 -1.82
CA ASN A 174 -32.94 20.47 -1.71
C ASN A 174 -33.02 18.97 -1.51
N GLY A 175 -34.09 18.53 -0.87
CA GLY A 175 -34.31 17.11 -0.65
C GLY A 175 -35.76 16.78 -0.40
N ILE A 176 -36.13 15.53 -0.60
CA ILE A 176 -37.50 15.10 -0.34
C ILE A 176 -37.65 14.71 1.13
N SER A 177 -38.71 15.22 1.75
CA SER A 177 -38.97 14.95 3.15
C SER A 177 -39.67 13.60 3.32
N GLU A 178 -39.39 12.91 4.41
CA GLU A 178 -40.03 11.64 4.71
C GLU A 178 -40.80 11.70 6.02
N LEU A 179 -40.86 12.90 6.59
CA LEU A 179 -41.64 13.14 7.80
C LEU A 179 -42.37 14.47 7.69
N SER A 180 -43.49 14.59 8.39
CA SER A 180 -44.17 15.87 8.49
C SER A 180 -43.64 16.61 9.72
N ARG A 181 -43.91 17.90 9.82
CA ARG A 181 -43.42 18.67 10.97
C ARG A 181 -44.09 18.16 12.23
N LYS A 182 -45.34 17.72 12.09
CA LYS A 182 -46.07 17.13 13.21
C LYS A 182 -45.32 15.91 13.75
N GLU A 183 -45.03 14.96 12.87
CA GLU A 183 -44.34 13.73 13.26
C GLU A 183 -43.05 14.00 14.01
N ILE A 184 -42.37 15.10 13.66
CA ILE A 184 -41.10 15.45 14.27
C ILE A 184 -41.26 16.14 15.62
N PHE A 185 -42.10 17.17 15.67
CA PHE A 185 -42.17 18.03 16.85
C PHE A 185 -43.42 17.88 17.72
N SER A 186 -44.33 16.97 17.36
CA SER A 186 -45.52 16.76 18.18
C SER A 186 -45.25 15.67 19.19
N GLY A 187 -45.61 15.92 20.44
CA GLY A 187 -45.29 15.02 21.53
C GLY A 187 -43.80 15.11 21.81
N LEU A 188 -43.21 14.01 22.25
CA LEU A 188 -41.75 13.96 22.38
C LEU A 188 -41.17 12.61 21.96
N PRO A 189 -41.41 12.20 20.69
CA PRO A 189 -40.75 10.96 20.28
C PRO A 189 -39.30 11.20 19.88
N GLU A 190 -38.37 10.55 20.58
CA GLU A 190 -36.95 10.66 20.23
C GLU A 190 -36.66 9.77 19.03
N LEU A 191 -37.41 9.98 17.96
CA LEU A 191 -37.42 9.08 16.82
C LEU A 191 -36.14 9.16 16.00
N LYS A 192 -35.81 8.06 15.35
CA LYS A 192 -34.65 7.97 14.49
C LYS A 192 -35.08 7.65 13.07
N GLY A 193 -34.13 7.67 12.14
CA GLY A 193 -34.42 7.35 10.76
C GLY A 193 -34.23 8.52 9.81
N MET A 194 -34.81 8.42 8.63
CA MET A 194 -34.63 9.44 7.60
C MET A 194 -35.62 10.58 7.77
N GLY A 195 -35.10 11.81 7.75
CA GLY A 195 -35.95 12.98 7.76
C GLY A 195 -36.04 13.64 6.40
N ILE A 196 -34.88 13.93 5.81
CA ILE A 196 -34.82 14.59 4.51
C ILE A 196 -33.78 13.92 3.60
N ARG A 197 -34.25 13.24 2.57
CA ARG A 197 -33.36 12.64 1.58
C ARG A 197 -32.86 13.68 0.59
N MET A 198 -31.59 14.07 0.73
CA MET A 198 -31.00 15.08 -0.14
C MET A 198 -30.97 14.59 -1.59
N THR A 199 -31.61 15.37 -2.47
CA THR A 199 -31.68 15.01 -3.88
C THR A 199 -30.88 15.99 -4.74
N GLU A 200 -30.69 17.19 -4.22
CA GLU A 200 -29.92 18.21 -4.92
C GLU A 200 -29.07 19.02 -3.95
N PRO A 201 -27.94 18.46 -3.50
CA PRO A 201 -27.05 19.17 -2.58
C PRO A 201 -26.14 20.15 -3.31
N VAL A 202 -25.68 21.20 -2.62
CA VAL A 202 -24.72 22.14 -3.20
C VAL A 202 -23.44 21.38 -3.54
N TYR A 203 -22.99 20.55 -2.61
CA TYR A 203 -21.85 19.68 -2.83
C TYR A 203 -22.31 18.22 -2.89
N LEU A 204 -22.02 17.56 -4.00
CA LEU A 204 -22.48 16.19 -4.20
C LEU A 204 -21.43 15.18 -3.74
N SER A 205 -21.75 14.48 -2.65
CA SER A 205 -20.85 13.46 -2.11
C SER A 205 -21.68 12.25 -1.68
N PRO A 206 -21.07 11.05 -1.74
CA PRO A 206 -21.77 9.81 -1.39
C PRO A 206 -22.21 9.75 0.07
N SER A 207 -23.34 9.09 0.33
CA SER A 207 -23.81 8.91 1.69
C SER A 207 -23.23 7.61 2.27
N PHE A 208 -22.53 7.73 3.39
CA PHE A 208 -21.84 6.59 3.99
C PHE A 208 -22.50 6.11 5.27
N ASP A 209 -23.83 5.99 5.26
CA ASP A 209 -24.57 5.60 6.45
C ASP A 209 -24.41 4.12 6.77
N SER A 210 -25.05 3.28 5.96
CA SER A 210 -25.05 1.84 6.22
C SER A 210 -24.40 1.05 5.09
N VAL A 211 -23.44 1.67 4.40
CA VAL A 211 -22.77 1.01 3.29
C VAL A 211 -21.45 0.39 3.73
N LEU A 212 -21.31 -0.92 3.52
CA LEU A 212 -20.12 -1.68 3.87
C LEU A 212 -19.55 -1.34 5.25
N PRO A 213 -20.35 -1.49 6.31
CA PRO A 213 -19.96 -1.03 7.65
C PRO A 213 -18.73 -1.77 8.21
N ARG A 214 -18.49 -2.98 7.73
CA ARG A 214 -17.38 -3.78 8.23
C ARG A 214 -16.13 -3.58 7.38
N TYR A 215 -16.29 -2.95 6.23
CA TYR A 215 -15.19 -2.76 5.28
C TYR A 215 -14.70 -1.32 5.23
N LEU A 216 -15.60 -0.38 5.50
CA LEU A 216 -15.29 1.04 5.38
C LEU A 216 -15.07 1.72 6.72
N PHE A 217 -14.49 2.92 6.65
CA PHE A 217 -14.46 3.85 7.76
C PHE A 217 -14.18 5.24 7.23
N LEU A 218 -15.21 6.09 7.20
CA LEU A 218 -15.05 7.46 6.75
C LEU A 218 -14.07 8.20 7.66
N GLN A 219 -13.01 8.73 7.06
CA GLN A 219 -11.92 9.31 7.83
C GLN A 219 -11.11 10.29 6.99
N ASN A 220 -10.87 11.48 7.53
CA ASN A 220 -10.08 12.49 6.84
C ASN A 220 -8.65 12.02 6.58
N LEU A 221 -8.08 12.46 5.46
CA LEU A 221 -6.77 12.00 5.01
C LEU A 221 -5.66 12.11 6.07
N PRO A 222 -5.54 13.28 6.74
CA PRO A 222 -4.48 13.31 7.76
C PRO A 222 -4.74 12.38 8.95
N SER A 223 -6.01 12.19 9.30
CA SER A 223 -6.37 11.31 10.41
C SER A 223 -5.97 9.87 10.11
N ALA A 224 -6.14 9.46 8.86
CA ALA A 224 -5.68 8.15 8.43
C ALA A 224 -4.17 8.13 8.35
N LEU A 225 -3.58 9.26 8.02
CA LEU A 225 -2.13 9.38 7.90
C LEU A 225 -1.43 9.16 9.24
N VAL A 226 -2.08 9.61 10.32
CA VAL A 226 -1.50 9.54 11.65
C VAL A 226 -1.05 8.13 12.03
N SER A 227 -1.93 7.15 11.85
CA SER A 227 -1.62 5.77 12.21
C SER A 227 -0.46 5.23 11.38
N HIS A 228 -0.35 5.71 10.14
CA HIS A 228 0.77 5.33 9.27
C HIS A 228 2.07 5.91 9.79
N VAL A 229 2.02 7.18 10.22
CA VAL A 229 3.19 7.87 10.74
C VAL A 229 3.68 7.20 12.03
N LEU A 230 2.74 6.80 12.88
CA LEU A 230 3.06 6.09 14.11
C LEU A 230 3.78 4.78 13.81
N ASN A 231 3.39 4.16 12.68
CA ASN A 231 4.04 2.97 12.18
C ASN A 231 4.10 1.83 13.20
N PRO A 232 2.95 1.29 13.58
CA PRO A 232 2.95 0.21 14.57
C PRO A 232 3.34 -1.14 13.95
N GLN A 233 4.18 -1.89 14.65
CA GLN A 233 4.58 -3.22 14.19
C GLN A 233 3.73 -4.27 14.89
N PRO A 234 3.43 -5.37 14.17
CA PRO A 234 2.67 -6.48 14.77
C PRO A 234 3.33 -7.04 16.03
N GLY A 235 2.57 -7.14 17.10
CA GLY A 235 3.06 -7.71 18.35
C GLY A 235 3.50 -6.67 19.37
N GLU A 236 3.50 -5.40 18.98
CA GLU A 236 3.91 -4.33 19.88
C GLU A 236 2.78 -3.93 20.83
N LYS A 237 3.10 -3.05 21.77
CA LYS A 237 2.10 -2.53 22.69
C LYS A 237 1.88 -1.05 22.42
N ILE A 238 0.65 -0.71 22.00
CA ILE A 238 0.32 0.65 21.61
C ILE A 238 -0.75 1.21 22.54
N LEU A 239 -0.63 2.51 22.85
CA LEU A 239 -1.63 3.18 23.66
C LEU A 239 -1.96 4.56 23.12
N ASP A 240 -3.22 4.80 22.82
CA ASP A 240 -3.67 6.16 22.52
C ASP A 240 -4.55 6.69 23.65
N LEU A 241 -4.09 7.75 24.30
CA LEU A 241 -4.74 8.33 25.47
C LEU A 241 -6.14 8.81 25.17
N CYS A 242 -6.31 9.51 24.06
CA CYS A 242 -7.61 9.99 23.61
C CYS A 242 -7.97 9.28 22.32
N ALA A 243 -8.88 8.31 22.41
CA ALA A 243 -9.07 7.36 21.32
C ALA A 243 -10.43 7.48 20.63
N ALA A 244 -11.46 7.82 21.39
CA ALA A 244 -12.83 7.80 20.89
C ALA A 244 -13.02 8.70 19.67
N PRO A 245 -13.85 8.24 18.71
CA PRO A 245 -14.59 6.97 18.72
C PRO A 245 -13.77 5.77 18.24
N GLY A 246 -12.46 5.94 18.08
CA GLY A 246 -11.57 4.84 17.77
C GLY A 246 -11.30 4.62 16.29
N GLY A 247 -11.22 5.70 15.52
CA GLY A 247 -10.85 5.60 14.13
C GLY A 247 -9.38 5.22 14.01
N LYS A 248 -8.54 6.05 14.61
CA LYS A 248 -7.10 5.84 14.60
C LYS A 248 -6.73 4.58 15.37
N THR A 249 -7.56 4.23 16.36
CA THR A 249 -7.35 3.03 17.14
C THR A 249 -7.51 1.78 16.29
N THR A 250 -8.68 1.64 15.66
CA THR A 250 -8.96 0.51 14.78
C THR A 250 -8.01 0.48 13.59
N HIS A 251 -7.57 1.65 13.16
CA HIS A 251 -6.58 1.72 12.08
C HIS A 251 -5.26 1.11 12.54
N ILE A 252 -4.79 1.54 13.71
CA ILE A 252 -3.58 0.99 14.31
C ILE A 252 -3.68 -0.52 14.43
N ALA A 253 -4.82 -1.00 14.93
CA ALA A 253 -5.05 -2.43 15.08
C ALA A 253 -4.99 -3.15 13.73
N ALA A 254 -5.52 -2.52 12.70
CA ALA A 254 -5.55 -3.13 11.37
C ALA A 254 -4.15 -3.15 10.73
N LEU A 255 -3.33 -2.17 11.07
CA LEU A 255 -1.97 -2.10 10.57
C LEU A 255 -1.10 -3.20 11.18
N MET A 256 -1.46 -3.62 12.38
CA MET A 256 -0.71 -4.64 13.10
C MET A 256 -1.24 -6.03 12.78
N HIS A 257 -2.14 -6.10 11.80
CA HIS A 257 -2.80 -7.35 11.41
C HIS A 257 -3.53 -7.98 12.61
N ASP A 258 -3.95 -7.13 13.54
CA ASP A 258 -4.66 -7.53 14.76
C ASP A 258 -3.81 -8.44 15.64
N GLN A 259 -2.50 -8.38 15.45
CA GLN A 259 -1.56 -9.17 16.23
C GLN A 259 -0.75 -8.27 17.15
N GLY A 260 -1.15 -8.20 18.41
CA GLY A 260 -0.48 -7.37 19.40
C GLY A 260 -1.42 -6.89 20.48
N GLU A 261 -1.16 -5.70 21.01
CA GLU A 261 -1.99 -5.16 22.08
C GLU A 261 -2.22 -3.67 21.91
N VAL A 262 -3.47 -3.27 21.71
CA VAL A 262 -3.82 -1.88 21.53
C VAL A 262 -4.77 -1.41 22.64
N ILE A 263 -4.26 -0.60 23.56
CA ILE A 263 -5.05 -0.10 24.67
C ILE A 263 -5.56 1.31 24.37
N ALA A 264 -6.88 1.47 24.40
CA ALA A 264 -7.51 2.73 24.08
C ALA A 264 -8.22 3.30 25.30
N LEU A 265 -7.92 4.56 25.64
CA LEU A 265 -8.54 5.20 26.80
C LEU A 265 -9.46 6.35 26.39
N ASP A 266 -10.44 6.65 27.23
CA ASP A 266 -11.22 7.88 27.06
C ASP A 266 -11.97 8.27 28.34
N LYS A 267 -12.25 9.57 28.48
CA LYS A 267 -12.85 10.10 29.70
C LYS A 267 -14.36 9.84 29.77
N ILE A 268 -15.03 9.91 28.63
CA ILE A 268 -16.49 9.74 28.58
C ILE A 268 -16.87 8.29 28.24
N PHE A 269 -17.79 7.73 29.03
CA PHE A 269 -18.18 6.33 28.88
C PHE A 269 -18.74 5.95 27.51
N ASN A 270 -19.82 6.63 27.09
CA ASN A 270 -20.49 6.33 25.83
C ASN A 270 -19.52 6.28 24.66
N LYS A 271 -18.53 7.18 24.70
CA LYS A 271 -17.49 7.23 23.69
C LYS A 271 -16.66 5.96 23.68
N VAL A 272 -16.29 5.48 24.87
CA VAL A 272 -15.56 4.23 25.01
C VAL A 272 -16.38 3.06 24.45
N GLU A 273 -17.68 3.07 24.75
CA GLU A 273 -18.57 2.07 24.18
C GLU A 273 -18.58 2.14 22.66
N LYS A 274 -18.46 3.35 22.13
CA LYS A 274 -18.40 3.51 20.67
C LYS A 274 -17.11 2.93 20.12
N ILE A 275 -16.01 3.09 20.85
CA ILE A 275 -14.75 2.46 20.51
C ILE A 275 -14.92 0.94 20.40
N LYS A 276 -15.45 0.35 21.47
CA LYS A 276 -15.67 -1.10 21.52
C LYS A 276 -16.58 -1.57 20.38
N GLN A 277 -17.65 -0.82 20.13
CA GLN A 277 -18.57 -1.14 19.04
C GLN A 277 -17.88 -1.13 17.69
N ASN A 278 -17.02 -0.13 17.47
CA ASN A 278 -16.25 -0.04 16.23
C ASN A 278 -15.30 -1.22 16.07
N ALA A 279 -14.58 -1.53 17.14
CA ALA A 279 -13.62 -2.63 17.12
C ALA A 279 -14.32 -3.96 16.80
N LEU A 280 -15.42 -4.21 17.48
CA LEU A 280 -16.19 -5.43 17.27
C LEU A 280 -16.74 -5.46 15.85
N LEU A 281 -17.14 -4.29 15.34
CA LEU A 281 -17.70 -4.18 13.99
C LEU A 281 -16.68 -4.52 12.92
N LEU A 282 -15.49 -3.93 13.03
CA LEU A 282 -14.46 -4.09 12.01
C LEU A 282 -13.66 -5.38 12.16
N GLY A 283 -13.91 -6.11 13.25
CA GLY A 283 -13.29 -7.41 13.43
C GLY A 283 -11.93 -7.39 14.11
N LEU A 284 -11.62 -6.31 14.80
CA LEU A 284 -10.36 -6.21 15.53
C LEU A 284 -10.51 -6.70 16.97
N ASN A 285 -9.63 -7.62 17.38
CA ASN A 285 -9.71 -8.23 18.70
C ASN A 285 -8.57 -7.81 19.61
N SER A 286 -7.61 -7.07 19.08
CA SER A 286 -6.45 -6.64 19.86
C SER A 286 -6.73 -5.31 20.56
N ILE A 287 -7.95 -4.81 20.41
CA ILE A 287 -8.32 -3.52 20.99
C ILE A 287 -9.00 -3.70 22.34
N ARG A 288 -8.47 -3.03 23.35
CA ARG A 288 -9.06 -3.04 24.68
C ARG A 288 -9.31 -1.61 25.15
N ALA A 289 -10.59 -1.27 25.32
CA ALA A 289 -10.99 0.09 25.63
C ALA A 289 -11.37 0.28 27.09
N PHE A 290 -10.98 1.43 27.65
CA PHE A 290 -11.23 1.74 29.05
C PHE A 290 -11.69 3.18 29.23
N CYS A 291 -12.67 3.36 30.10
CA CYS A 291 -13.10 4.69 30.51
C CYS A 291 -12.17 5.17 31.61
N PHE A 292 -11.31 6.14 31.30
CA PHE A 292 -10.27 6.54 32.23
C PHE A 292 -9.67 7.90 31.85
N ASP A 293 -9.22 8.63 32.88
CA ASP A 293 -8.60 9.94 32.66
C ASP A 293 -7.14 9.77 32.26
N GLY A 294 -6.82 10.19 31.03
CA GLY A 294 -5.48 10.07 30.50
C GLY A 294 -4.43 10.78 31.33
N THR A 295 -4.80 11.90 31.94
CA THR A 295 -3.88 12.67 32.75
C THR A 295 -3.48 11.93 34.02
N LYS A 296 -4.31 10.96 34.42
CA LYS A 296 -4.06 10.20 35.64
C LYS A 296 -3.79 8.74 35.32
N ALA A 297 -3.10 8.49 34.21
CA ALA A 297 -2.91 7.13 33.71
C ALA A 297 -1.59 6.52 34.16
N VAL A 298 -0.77 7.31 34.85
CA VAL A 298 0.50 6.81 35.36
C VAL A 298 0.34 6.22 36.76
N LYS A 299 0.77 4.98 36.91
CA LYS A 299 0.64 4.25 38.18
C LYS A 299 1.48 4.90 39.27
N LEU A 300 0.89 5.08 40.45
CA LEU A 300 1.59 5.71 41.56
C LEU A 300 1.48 4.90 42.86
N ASP A 301 0.26 4.53 43.23
CA ASP A 301 0.04 3.75 44.45
C ASP A 301 0.28 2.27 44.24
N MET A 302 0.29 1.51 45.33
CA MET A 302 0.63 0.09 45.29
C MET A 302 -0.59 -0.82 45.25
N VAL A 303 -0.87 -1.38 44.07
CA VAL A 303 -1.96 -2.33 43.90
C VAL A 303 -1.70 -3.24 42.70
N GLY A 308 -4.10 -5.79 34.57
CA GLY A 308 -3.99 -5.42 33.17
C GLY A 308 -4.64 -4.08 32.87
N GLU A 309 -5.61 -3.69 33.69
CA GLU A 309 -6.34 -2.44 33.51
C GLU A 309 -5.49 -1.23 33.90
N PRO A 310 -5.92 -0.02 33.49
CA PRO A 310 -5.20 1.20 33.89
C PRO A 310 -5.41 1.55 35.36
N PRO A 311 -4.53 2.37 35.95
CA PRO A 311 -3.36 3.01 35.34
C PRO A 311 -2.22 2.04 35.03
N PHE A 312 -1.21 2.51 34.30
CA PHE A 312 -0.12 1.65 33.87
C PHE A 312 1.23 2.09 34.43
N LEU A 313 2.12 1.13 34.62
CA LEU A 313 3.48 1.41 35.05
C LEU A 313 4.20 2.24 33.98
N PRO A 314 5.07 3.16 34.43
CA PRO A 314 5.85 3.99 33.49
C PRO A 314 6.73 3.15 32.57
N GLU A 315 6.94 3.64 31.35
CA GLU A 315 7.75 2.95 30.35
C GLU A 315 7.28 1.51 30.11
N SER A 316 5.99 1.35 29.85
CA SER A 316 5.43 0.02 29.64
C SER A 316 4.71 -0.11 28.29
N PHE A 317 4.86 0.91 27.44
CA PHE A 317 4.25 0.89 26.12
C PHE A 317 5.27 1.10 25.01
N ASP A 318 5.16 0.30 23.95
CA ASP A 318 6.08 0.39 22.83
C ASP A 318 5.84 1.68 22.06
N ARG A 319 4.59 1.99 21.75
CA ARG A 319 4.25 3.23 21.06
C ARG A 319 3.04 3.91 21.67
N ILE A 320 3.05 5.24 21.64
CA ILE A 320 1.96 6.03 22.21
C ILE A 320 1.48 7.12 21.27
N LEU A 321 0.16 7.13 21.01
CA LEU A 321 -0.46 8.13 20.17
C LEU A 321 -1.29 9.13 20.99
N LEU A 322 -0.80 10.36 21.07
CA LEU A 322 -1.57 11.43 21.69
C LEU A 322 -2.35 12.21 20.64
N ASP A 323 -3.55 11.73 20.35
CA ASP A 323 -4.49 12.47 19.52
C ASP A 323 -5.23 13.46 20.40
N ALA A 324 -4.49 14.44 20.90
CA ALA A 324 -4.95 15.35 21.94
C ALA A 324 -6.21 16.13 21.56
N PRO A 325 -7.04 16.44 22.56
CA PRO A 325 -8.21 17.31 22.36
C PRO A 325 -7.77 18.71 21.96
N CYS A 326 -8.55 19.35 21.09
CA CYS A 326 -8.14 20.63 20.53
C CYS A 326 -9.32 21.54 20.23
N SER A 327 -9.00 22.76 19.82
CA SER A 327 -10.02 23.77 19.50
C SER A 327 -10.87 23.36 18.29
N GLY A 328 -10.28 22.59 17.39
CA GLY A 328 -11.01 22.10 16.23
C GLY A 328 -11.13 23.15 15.15
N MET A 329 -10.25 24.14 15.19
CA MET A 329 -10.29 25.25 14.23
C MET A 329 -10.01 24.78 12.80
N GLY A 330 -9.36 23.63 12.68
CA GLY A 330 -9.02 23.09 11.37
C GLY A 330 -10.17 22.37 10.69
N GLN A 331 -11.30 22.26 11.39
CA GLN A 331 -12.47 21.55 10.85
C GLN A 331 -13.00 22.20 9.58
N ARG A 332 -13.30 21.38 8.58
CA ARG A 332 -13.95 21.84 7.36
C ARG A 332 -15.09 20.90 6.98
N PRO A 333 -16.27 21.47 6.66
CA PRO A 333 -16.52 22.91 6.64
C PRO A 333 -16.95 23.46 8.00
N ASN A 334 -16.37 24.59 8.37
CA ASN A 334 -16.74 25.29 9.60
C ASN A 334 -17.14 26.73 9.29
N MET A 335 -18.44 26.96 9.14
CA MET A 335 -18.94 28.26 8.68
C MET A 335 -19.01 29.31 9.78
N ALA A 336 -19.08 28.87 11.03
CA ALA A 336 -19.18 29.80 12.15
C ALA A 336 -18.74 29.14 13.45
N CYS A 337 -18.09 29.92 14.30
CA CYS A 337 -17.64 29.44 15.60
C CYS A 337 -17.92 30.48 16.68
N THR A 338 -18.95 30.25 17.48
CA THR A 338 -19.36 31.19 18.51
C THR A 338 -18.68 30.88 19.84
N TRP A 339 -17.36 30.73 19.81
CA TRP A 339 -16.60 30.40 21.00
C TRP A 339 -15.90 31.62 21.59
N SER A 340 -15.70 31.60 22.91
CA SER A 340 -14.87 32.58 23.58
C SER A 340 -13.41 32.28 23.34
N VAL A 341 -12.56 33.30 23.46
CA VAL A 341 -11.12 33.09 23.31
C VAL A 341 -10.59 32.20 24.43
N LYS A 342 -11.12 32.41 25.64
CA LYS A 342 -10.78 31.58 26.79
C LYS A 342 -11.06 30.13 26.49
N GLU A 343 -12.14 29.87 25.77
CA GLU A 343 -12.54 28.52 25.40
C GLU A 343 -11.58 27.92 24.38
N VAL A 344 -11.14 28.72 23.41
CA VAL A 344 -10.27 28.25 22.34
C VAL A 344 -8.88 27.87 22.86
N ALA A 345 -8.33 28.69 23.75
CA ALA A 345 -6.98 28.46 24.27
C ALA A 345 -7.00 27.61 25.54
N SER A 346 -8.15 27.04 25.84
CA SER A 346 -8.34 26.28 27.08
C SER A 346 -7.76 24.87 27.01
N TYR A 347 -7.04 24.56 25.95
CA TYR A 347 -6.61 23.19 25.70
C TYR A 347 -5.13 22.95 26.00
N GLN A 348 -4.31 23.99 25.82
CA GLN A 348 -2.87 23.88 26.02
C GLN A 348 -2.46 23.18 27.34
N PRO A 349 -3.06 23.55 28.49
CA PRO A 349 -2.67 22.86 29.72
C PRO A 349 -3.00 21.37 29.71
N LEU A 350 -4.21 21.04 29.25
CA LEU A 350 -4.66 19.65 29.20
C LEU A 350 -3.79 18.83 28.25
N GLN A 351 -3.50 19.43 27.09
CA GLN A 351 -2.58 18.81 26.13
C GLN A 351 -1.23 18.53 26.76
N ARG A 352 -0.73 19.49 27.54
CA ARG A 352 0.57 19.33 28.18
C ARG A 352 0.56 18.24 29.25
N LYS A 353 -0.53 18.16 30.01
CA LYS A 353 -0.68 17.12 31.02
C LYS A 353 -0.68 15.73 30.36
N LEU A 354 -1.53 15.59 29.35
CA LEU A 354 -1.60 14.34 28.59
C LEU A 354 -0.26 13.98 27.97
N PHE A 355 0.47 14.99 27.51
CA PHE A 355 1.79 14.79 26.92
C PHE A 355 2.77 14.24 27.94
N THR A 356 2.80 14.87 29.12
CA THR A 356 3.68 14.42 30.20
C THR A 356 3.39 12.98 30.57
N ALA A 357 2.10 12.70 30.79
CA ALA A 357 1.65 11.34 31.10
C ALA A 357 2.08 10.35 30.02
N ALA A 358 1.99 10.78 28.77
CA ALA A 358 2.42 9.94 27.64
C ALA A 358 3.91 9.63 27.69
N VAL A 359 4.72 10.67 27.90
CA VAL A 359 6.17 10.50 27.95
C VAL A 359 6.57 9.58 29.08
N GLN A 360 5.91 9.71 30.23
CA GLN A 360 6.19 8.85 31.36
C GLN A 360 5.89 7.38 31.06
N LEU A 361 4.86 7.16 30.25
CA LEU A 361 4.41 5.80 29.95
C LEU A 361 5.12 5.19 28.74
N LEU A 362 6.08 5.92 28.18
CA LEU A 362 6.73 5.49 26.95
C LEU A 362 8.06 4.79 27.21
N LYS A 363 8.20 3.58 26.66
CA LYS A 363 9.46 2.85 26.71
C LYS A 363 10.58 3.60 26.00
N PRO A 364 11.83 3.38 26.43
CA PRO A 364 12.98 3.96 25.72
C PRO A 364 13.04 3.45 24.28
N GLU A 365 13.53 4.27 23.37
CA GLU A 365 13.54 3.97 21.94
C GLU A 365 12.12 3.81 21.39
N GLY A 366 11.14 4.29 22.15
CA GLY A 366 9.74 4.21 21.75
C GLY A 366 9.32 5.41 20.93
N VAL A 367 8.14 5.32 20.32
CA VAL A 367 7.65 6.38 19.45
C VAL A 367 6.40 7.03 20.03
N LEU A 368 6.42 8.36 20.09
CA LEU A 368 5.27 9.13 20.55
C LEU A 368 4.79 10.07 19.45
N VAL A 369 3.57 9.86 18.98
CA VAL A 369 3.02 10.73 17.94
C VAL A 369 1.96 11.68 18.50
N TYR A 370 2.24 12.99 18.43
CA TYR A 370 1.31 13.99 18.93
C TYR A 370 0.58 14.65 17.76
N SER A 371 -0.75 14.63 17.81
CA SER A 371 -1.52 15.14 16.68
C SER A 371 -2.78 15.91 17.08
N THR A 372 -3.03 17.02 16.40
CA THR A 372 -4.24 17.82 16.63
C THR A 372 -4.94 18.11 15.30
N CYS A 373 -6.20 18.53 15.36
CA CYS A 373 -6.89 18.98 14.15
C CYS A 373 -7.17 20.48 14.23
N THR A 374 -6.25 21.20 14.87
CA THR A 374 -6.36 22.65 14.97
C THR A 374 -5.22 23.33 14.22
N ILE A 375 -5.30 24.65 14.08
CA ILE A 375 -4.31 25.39 13.30
C ILE A 375 -3.50 26.36 14.15
N THR A 376 -3.89 26.51 15.41
CA THR A 376 -3.23 27.45 16.32
C THR A 376 -1.80 27.04 16.63
N LEU A 377 -0.91 28.02 16.75
CA LEU A 377 0.47 27.78 17.14
C LEU A 377 0.58 27.22 18.55
N ALA A 378 -0.22 27.78 19.46
CA ALA A 378 -0.14 27.44 20.87
C ALA A 378 -0.40 25.96 21.14
N GLU A 379 -1.14 25.32 20.23
CA GLU A 379 -1.51 23.92 20.42
C GLU A 379 -0.66 22.99 19.55
N ASN A 380 0.09 23.57 18.62
CA ASN A 380 0.91 22.78 17.71
C ASN A 380 2.41 22.96 17.95
N GLU A 381 3.03 23.80 17.13
CA GLU A 381 4.49 24.00 17.19
C GLU A 381 4.99 24.42 18.57
N GLU A 382 4.22 25.27 19.24
CA GLU A 382 4.57 25.73 20.58
C GLU A 382 4.67 24.56 21.55
N GLN A 383 3.75 23.62 21.41
CA GLN A 383 3.74 22.43 22.25
C GLN A 383 4.92 21.54 21.92
N VAL A 384 5.35 21.56 20.67
CA VAL A 384 6.50 20.79 20.24
C VAL A 384 7.78 21.34 20.88
N ALA A 385 7.92 22.67 20.84
CA ALA A 385 9.05 23.34 21.46
C ALA A 385 9.07 23.09 22.97
N TRP A 386 7.91 23.28 23.60
CA TRP A 386 7.75 23.02 25.03
C TRP A 386 8.14 21.60 25.39
N ALA A 387 7.68 20.64 24.58
CA ALA A 387 7.98 19.23 24.81
C ALA A 387 9.46 18.93 24.68
N LEU A 388 10.07 19.49 23.64
CA LEU A 388 11.49 19.28 23.39
C LEU A 388 12.34 19.92 24.48
N THR A 389 11.80 20.94 25.13
CA THR A 389 12.49 21.62 26.21
C THR A 389 12.37 20.85 27.53
N LYS A 390 11.13 20.57 27.94
CA LYS A 390 10.86 19.91 29.21
C LYS A 390 11.40 18.48 29.23
N PHE A 391 11.26 17.78 28.11
CA PHE A 391 11.76 16.43 27.98
C PHE A 391 12.93 16.36 27.02
N PRO A 392 14.16 16.28 27.57
CA PRO A 392 15.37 16.22 26.73
C PRO A 392 15.62 14.81 26.21
N CYS A 393 14.93 13.83 26.79
CA CYS A 393 15.02 12.45 26.32
C CYS A 393 14.33 12.28 24.98
N LEU A 394 13.25 13.05 24.78
CA LEU A 394 12.56 13.07 23.51
C LEU A 394 13.39 13.73 22.42
N GLN A 395 13.23 13.27 21.19
CA GLN A 395 13.92 13.86 20.06
C GLN A 395 13.02 13.80 18.83
N LEU A 396 12.93 14.92 18.11
CA LEU A 396 12.03 15.02 16.97
C LEU A 396 12.48 14.13 15.82
N GLN A 397 11.53 13.35 15.29
CA GLN A 397 11.83 12.41 14.22
C GLN A 397 11.17 12.80 12.90
N PRO A 398 11.81 12.45 11.77
CA PRO A 398 11.17 12.61 10.47
C PRO A 398 10.00 11.64 10.31
N GLN A 399 9.06 11.94 9.42
CA GLN A 399 7.88 11.10 9.29
C GLN A 399 7.72 10.50 7.90
N GLU A 400 7.05 9.35 7.85
CA GLU A 400 6.70 8.69 6.60
C GLU A 400 5.29 8.12 6.72
N PRO A 401 4.42 8.43 5.74
CA PRO A 401 4.71 9.27 4.57
C PRO A 401 4.66 10.78 4.86
N GLN A 402 5.44 11.55 4.13
CA GLN A 402 5.37 13.01 4.21
C GLN A 402 4.39 13.53 3.16
N ILE A 403 3.30 14.14 3.62
CA ILE A 403 2.24 14.57 2.73
C ILE A 403 1.90 16.06 2.93
N GLY A 404 1.82 16.47 4.18
CA GLY A 404 1.44 17.85 4.48
C GLY A 404 2.62 18.80 4.44
N GLY A 405 2.36 20.07 4.64
CA GLY A 405 3.40 21.09 4.63
C GLY A 405 4.28 21.02 5.87
N GLU A 406 5.32 21.85 5.89
CA GLU A 406 6.21 21.90 7.04
C GLU A 406 5.62 22.79 8.13
N GLY A 407 6.26 22.78 9.29
CA GLY A 407 5.78 23.53 10.45
C GLY A 407 5.77 25.03 10.21
N MET A 408 4.87 25.72 10.91
CA MET A 408 4.75 27.16 10.79
C MET A 408 5.71 27.88 11.73
N ARG A 409 6.37 28.92 11.22
CA ARG A 409 7.31 29.69 12.02
C ARG A 409 6.58 30.44 13.14
N GLY A 410 7.22 30.52 14.31
CA GLY A 410 6.65 31.25 15.43
C GLY A 410 7.03 30.68 16.78
N ALA A 411 7.20 29.35 16.84
CA ALA A 411 7.51 28.69 18.10
C ALA A 411 9.00 28.74 18.41
N GLY A 412 9.79 29.20 17.46
CA GLY A 412 11.22 29.33 17.65
C GLY A 412 11.99 28.07 17.31
N LEU A 413 11.40 27.23 16.48
CA LEU A 413 12.06 26.02 16.02
C LEU A 413 12.92 26.32 14.79
N SER A 414 13.87 25.44 14.50
CA SER A 414 14.74 25.61 13.35
C SER A 414 14.06 25.08 12.10
N CYS A 415 14.57 25.45 10.94
CA CYS A 415 14.03 24.99 9.67
C CYS A 415 14.09 23.47 9.57
N GLU A 416 15.17 22.89 10.08
CA GLU A 416 15.34 21.45 10.10
C GLU A 416 14.29 20.80 11.01
N GLN A 417 13.95 21.49 12.09
CA GLN A 417 12.92 21.02 13.01
C GLN A 417 11.54 21.14 12.39
N LEU A 418 11.29 22.24 11.69
CA LEU A 418 9.99 22.48 11.07
C LEU A 418 9.74 21.52 9.92
N LYS A 419 10.80 21.13 9.21
CA LYS A 419 10.67 20.18 8.11
C LYS A 419 10.24 18.78 8.57
N GLN A 420 10.48 18.48 9.85
CA GLN A 420 10.13 17.17 10.39
C GLN A 420 8.70 17.13 10.93
N LEU A 421 8.01 18.27 10.88
CA LEU A 421 6.62 18.35 11.30
C LEU A 421 5.70 18.26 10.09
N GLN A 422 4.46 17.84 10.29
CA GLN A 422 3.49 17.83 9.21
C GLN A 422 2.27 18.69 9.53
N ARG A 423 2.21 19.86 8.91
CA ARG A 423 1.08 20.76 9.10
C ARG A 423 0.27 20.90 7.82
N PHE A 424 -1.01 20.58 7.91
CA PHE A 424 -1.90 20.70 6.76
C PHE A 424 -2.56 22.08 6.74
N ASP A 425 -2.35 22.80 5.65
CA ASP A 425 -2.85 24.15 5.51
C ASP A 425 -3.96 24.22 4.47
N PRO A 426 -5.18 24.57 4.89
CA PRO A 426 -6.34 24.70 4.00
C PRO A 426 -6.15 25.76 2.91
N SER A 427 -5.28 26.72 3.16
CA SER A 427 -5.03 27.82 2.22
C SER A 427 -3.87 27.52 1.27
N ALA A 428 -3.49 26.26 1.19
CA ALA A 428 -2.37 25.85 0.35
C ALA A 428 -2.70 26.01 -1.13
N VAL A 429 -3.91 25.59 -1.52
CA VAL A 429 -4.33 25.65 -2.91
C VAL A 429 -5.70 26.31 -3.03
N PRO A 430 -5.99 26.92 -4.19
CA PRO A 430 -7.30 27.54 -4.43
C PRO A 430 -8.44 26.52 -4.37
N LEU A 431 -9.65 26.98 -4.08
CA LEU A 431 -10.82 26.11 -3.99
C LEU A 431 -11.24 25.60 -5.37
N PRO A 432 -11.10 24.29 -5.60
CA PRO A 432 -11.44 23.68 -6.87
C PRO A 432 -12.94 23.49 -7.06
N ASP A 433 -13.50 24.11 -8.09
CA ASP A 433 -14.90 23.92 -8.42
C ASP A 433 -15.03 22.72 -9.34
N THR A 434 -15.08 21.54 -8.74
CA THR A 434 -15.15 20.29 -9.51
C THR A 434 -16.47 20.18 -10.25
N ASP A 435 -16.37 20.06 -11.58
CA ASP A 435 -17.51 19.81 -12.43
C ASP A 435 -17.22 18.59 -13.26
N MET A 436 -18.25 18.00 -13.87
CA MET A 436 -18.09 16.79 -14.65
C MET A 436 -17.09 17.04 -15.78
N ASP A 437 -17.14 18.24 -16.33
CA ASP A 437 -16.23 18.64 -17.40
C ASP A 437 -14.84 18.81 -16.82
N SER A 438 -14.79 19.30 -15.58
CA SER A 438 -13.53 19.43 -14.86
C SER A 438 -13.00 18.04 -14.52
N LEU A 439 -13.91 17.12 -14.23
CA LEU A 439 -13.54 15.73 -13.96
C LEU A 439 -12.87 15.10 -15.17
N ARG A 440 -13.54 15.19 -16.31
CA ARG A 440 -13.05 14.58 -17.55
C ARG A 440 -11.67 15.08 -17.93
N GLU A 441 -11.44 16.38 -17.74
CA GLU A 441 -10.18 17.00 -18.16
C GLU A 441 -9.17 17.14 -17.03
N ALA A 442 -9.22 16.25 -16.05
CA ALA A 442 -8.33 16.34 -14.89
C ALA A 442 -7.21 15.31 -14.89
N ARG A 443 -5.97 15.79 -14.85
CA ARG A 443 -4.81 14.92 -14.69
C ARG A 443 -4.82 14.31 -13.29
N ARG A 444 -4.43 13.04 -13.20
CA ARG A 444 -4.50 12.31 -11.94
C ARG A 444 -3.63 12.90 -10.84
N GLU A 445 -2.44 13.38 -11.20
CA GLU A 445 -1.53 13.93 -10.21
C GLU A 445 -2.08 15.23 -9.62
N ASP A 446 -2.95 15.89 -10.39
CA ASP A 446 -3.57 17.13 -9.94
C ASP A 446 -4.62 16.80 -8.90
N MET A 447 -5.36 15.72 -9.15
CA MET A 447 -6.32 15.22 -8.18
C MET A 447 -5.64 14.78 -6.90
N LEU A 448 -4.52 14.06 -7.03
CA LEU A 448 -3.80 13.58 -5.85
C LEU A 448 -3.25 14.76 -5.03
N ARG A 449 -2.69 15.75 -5.72
CA ARG A 449 -2.16 16.93 -5.04
C ARG A 449 -3.30 17.68 -4.38
N LEU A 450 -4.45 17.69 -5.03
CA LEU A 450 -5.65 18.30 -4.48
C LEU A 450 -6.07 17.63 -3.17
N ALA A 451 -6.12 16.31 -3.19
CA ALA A 451 -6.51 15.54 -2.01
C ALA A 451 -5.50 15.74 -0.88
N ASN A 452 -4.23 15.88 -1.24
CA ASN A 452 -3.19 16.06 -0.25
C ASN A 452 -3.15 17.47 0.35
N LYS A 453 -3.60 18.46 -0.42
CA LYS A 453 -3.49 19.85 0.01
C LYS A 453 -4.82 20.45 0.47
N ASP A 454 -5.87 20.27 -0.32
CA ASP A 454 -7.18 20.79 0.07
C ASP A 454 -7.86 19.86 1.06
N SER A 455 -7.40 19.93 2.31
CA SER A 455 -7.93 19.07 3.37
C SER A 455 -8.21 19.89 4.62
N ILE A 456 -8.68 19.21 5.67
CA ILE A 456 -8.93 19.87 6.95
C ILE A 456 -7.63 20.34 7.58
N GLY A 457 -7.72 21.17 8.60
CA GLY A 457 -6.55 21.61 9.33
C GLY A 457 -6.08 20.49 10.23
N PHE A 458 -4.78 20.22 10.22
CA PHE A 458 -4.23 19.12 11.00
C PHE A 458 -2.75 19.33 11.30
N PHE A 459 -2.27 18.71 12.36
CA PHE A 459 -0.88 18.85 12.78
C PHE A 459 -0.37 17.55 13.37
N ILE A 460 0.76 17.07 12.85
CA ILE A 460 1.37 15.83 13.30
C ILE A 460 2.85 16.02 13.63
N ALA A 461 3.24 15.56 14.82
CA ALA A 461 4.62 15.61 15.29
C ALA A 461 5.06 14.24 15.79
N LYS A 462 6.30 13.85 15.47
CA LYS A 462 6.81 12.53 15.84
C LYS A 462 8.00 12.64 16.79
N PHE A 463 8.00 11.81 17.84
CA PHE A 463 9.04 11.84 18.86
C PHE A 463 9.61 10.45 19.14
N VAL A 464 10.88 10.41 19.53
CA VAL A 464 11.52 9.18 19.96
C VAL A 464 12.20 9.38 21.31
N LYS A 465 12.16 8.37 22.17
CA LYS A 465 12.73 8.47 23.51
C LYS A 465 14.14 7.89 23.55
N CYS A 466 14.99 8.45 24.40
CA CYS A 466 16.36 8.00 24.52
C CYS A 466 16.57 7.23 25.82
N SER D 2 23.94 -5.34 -24.15
CA SER D 2 25.09 -4.60 -23.66
C SER D 2 26.34 -5.47 -23.60
N ILE D 3 26.65 -5.97 -22.41
CA ILE D 3 27.91 -6.65 -22.16
C ILE D 3 27.89 -8.12 -22.61
N PHE D 4 26.78 -8.81 -22.37
CA PHE D 4 26.67 -10.23 -22.69
C PHE D 4 26.06 -10.46 -24.07
N PRO D 5 26.41 -11.57 -24.71
CA PRO D 5 25.80 -11.95 -25.99
C PRO D 5 24.38 -12.45 -25.81
N LYS D 6 23.74 -12.89 -26.89
CA LYS D 6 22.41 -13.46 -26.81
C LYS D 6 22.44 -14.79 -26.06
N ILE D 7 21.28 -15.28 -25.65
CA ILE D 7 21.18 -16.53 -24.92
C ILE D 7 21.49 -17.72 -25.84
N SER D 8 22.44 -18.55 -25.44
CA SER D 8 22.87 -19.67 -26.26
C SER D 8 21.81 -20.77 -26.29
N LEU D 9 21.11 -20.88 -27.41
CA LEU D 9 20.07 -21.88 -27.58
C LEU D 9 20.41 -22.86 -28.69
N ARG D 10 19.90 -24.09 -28.58
CA ARG D 10 19.97 -25.05 -29.68
C ARG D 10 19.26 -24.45 -30.89
N PRO D 11 19.77 -24.73 -32.10
CA PRO D 11 19.18 -24.18 -33.33
C PRO D 11 17.70 -24.50 -33.45
N GLU D 12 17.35 -25.76 -33.17
CA GLU D 12 15.96 -26.21 -33.19
C GLU D 12 15.09 -25.44 -32.21
N VAL D 13 15.60 -25.23 -31.00
CA VAL D 13 14.89 -24.49 -29.96
C VAL D 13 14.68 -23.03 -30.36
N GLU D 14 15.75 -22.38 -30.79
CA GLU D 14 15.69 -20.98 -31.21
C GLU D 14 14.72 -20.82 -32.37
N ASN D 15 14.70 -21.79 -33.27
CA ASN D 15 13.75 -21.76 -34.39
C ASN D 15 12.32 -22.02 -33.93
N TYR D 16 12.17 -22.79 -32.85
CA TYR D 16 10.87 -23.01 -32.24
C TYR D 16 10.30 -21.70 -31.70
N LEU D 17 11.10 -21.04 -30.85
CA LEU D 17 10.72 -19.76 -30.28
C LEU D 17 10.48 -18.74 -31.38
N LYS D 18 11.31 -18.78 -32.42
CA LYS D 18 11.15 -17.92 -33.58
C LYS D 18 9.80 -18.15 -34.24
N GLU D 19 9.42 -19.41 -34.41
CA GLU D 19 8.12 -19.77 -34.93
C GLU D 19 7.03 -19.17 -34.05
N GLY D 20 7.29 -19.14 -32.74
CA GLY D 20 6.36 -18.53 -31.82
C GLY D 20 6.16 -17.04 -32.04
N PHE D 21 7.28 -16.30 -32.12
CA PHE D 21 7.23 -14.84 -32.18
C PHE D 21 7.04 -14.29 -33.59
N MET D 22 7.03 -15.16 -34.59
CA MET D 22 6.90 -14.73 -35.98
C MET D 22 5.66 -15.30 -36.65
N ASN D 23 4.62 -15.54 -35.87
CA ASN D 23 3.37 -16.11 -36.40
C ASN D 23 2.63 -15.13 -37.32
N LYS D 24 1.63 -15.65 -38.01
CA LYS D 24 0.86 -14.90 -39.00
C LYS D 24 0.28 -13.60 -38.45
N GLU D 25 -0.27 -13.66 -37.24
CA GLU D 25 -0.94 -12.52 -36.63
C GLU D 25 0.03 -11.36 -36.33
N ILE D 26 1.14 -11.68 -35.69
CA ILE D 26 2.14 -10.68 -35.34
C ILE D 26 2.78 -10.08 -36.60
N VAL D 27 3.08 -10.93 -37.57
CA VAL D 27 3.61 -10.49 -38.85
C VAL D 27 2.64 -9.53 -39.53
N THR D 28 1.36 -9.89 -39.49
CA THR D 28 0.31 -9.05 -40.07
C THR D 28 0.27 -7.68 -39.38
N ALA D 29 0.32 -7.68 -38.06
CA ALA D 29 0.17 -6.46 -37.28
C ALA D 29 1.45 -5.62 -37.18
N LEU D 30 2.59 -6.17 -37.60
CA LEU D 30 3.86 -5.51 -37.38
C LEU D 30 4.84 -5.59 -38.56
N GLY D 31 4.72 -6.63 -39.37
CA GLY D 31 5.67 -6.86 -40.44
C GLY D 31 6.87 -7.65 -39.96
N LYS D 32 7.36 -8.54 -40.83
CA LYS D 32 8.48 -9.42 -40.51
C LYS D 32 9.70 -8.67 -40.01
N GLN D 33 10.03 -7.57 -40.69
CA GLN D 33 11.21 -6.77 -40.39
C GLN D 33 11.23 -6.25 -38.97
N GLU D 34 10.05 -6.04 -38.40
CA GLU D 34 9.94 -5.51 -37.05
C GLU D 34 9.90 -6.62 -36.01
N ALA D 35 9.00 -7.56 -36.19
CA ALA D 35 8.84 -8.70 -35.29
C ALA D 35 10.15 -9.46 -35.10
N GLU D 36 10.92 -9.60 -36.19
CA GLU D 36 12.20 -10.27 -36.11
C GLU D 36 13.14 -9.52 -35.15
N ARG D 37 13.18 -8.20 -35.27
CA ARG D 37 14.02 -7.39 -34.40
C ARG D 37 13.54 -7.46 -32.96
N LYS D 38 12.23 -7.56 -32.78
CA LYS D 38 11.65 -7.72 -31.45
C LYS D 38 12.18 -9.00 -30.83
N PHE D 39 12.11 -10.09 -31.59
CA PHE D 39 12.59 -11.40 -31.15
C PHE D 39 14.08 -11.40 -30.80
N GLU D 40 14.90 -10.84 -31.69
CA GLU D 40 16.33 -10.77 -31.47
C GLU D 40 16.67 -9.93 -30.24
N THR D 41 15.95 -8.83 -30.07
CA THR D 41 16.12 -7.97 -28.90
C THR D 41 15.79 -8.73 -27.63
N LEU D 42 14.72 -9.52 -27.69
CA LEU D 42 14.36 -10.40 -26.59
C LEU D 42 15.51 -11.35 -26.23
N LEU D 43 16.00 -12.07 -27.24
CA LEU D 43 17.10 -13.01 -27.01
C LEU D 43 18.36 -12.31 -26.48
N LYS D 44 18.52 -11.04 -26.82
CA LYS D 44 19.69 -10.29 -26.36
C LYS D 44 19.50 -9.85 -24.91
N HIS D 45 18.25 -9.62 -24.52
CA HIS D 45 17.93 -9.16 -23.17
C HIS D 45 17.91 -10.27 -22.12
N LEU D 46 17.56 -11.48 -22.53
CA LEU D 46 17.43 -12.61 -21.60
C LEU D 46 18.74 -12.99 -20.92
N SER D 47 19.86 -12.58 -21.50
CA SER D 47 21.17 -12.95 -20.96
C SER D 47 21.60 -12.03 -19.81
N HIS D 48 20.86 -10.94 -19.63
CA HIS D 48 21.22 -9.93 -18.64
C HIS D 48 20.26 -9.92 -17.46
N PRO D 49 20.80 -9.71 -16.25
CA PRO D 49 19.99 -9.62 -15.03
C PRO D 49 19.02 -8.46 -15.09
N PRO D 50 17.89 -8.55 -14.37
CA PRO D 50 16.99 -7.41 -14.25
C PRO D 50 17.69 -6.24 -13.55
N SER D 51 17.33 -5.02 -13.92
CA SER D 51 18.02 -3.83 -13.41
C SER D 51 17.54 -3.45 -12.01
N PHE D 52 16.70 -4.28 -11.42
CA PHE D 52 16.16 -3.98 -10.10
C PHE D 52 16.05 -5.21 -9.20
N THR D 53 16.69 -5.13 -8.04
CA THR D 53 16.50 -6.07 -6.96
C THR D 53 15.17 -5.79 -6.26
N THR D 54 14.22 -6.71 -6.39
CA THR D 54 12.89 -6.51 -5.83
C THR D 54 12.67 -7.39 -4.61
N VAL D 55 12.34 -6.77 -3.49
CA VAL D 55 12.17 -7.50 -2.22
C VAL D 55 10.75 -7.37 -1.69
N ARG D 56 10.17 -8.46 -1.22
CA ARG D 56 8.84 -8.40 -0.62
C ARG D 56 8.93 -8.30 0.90
N VAL D 57 8.19 -7.35 1.47
CA VAL D 57 8.15 -7.17 2.91
C VAL D 57 7.07 -8.06 3.54
N ASN D 58 7.43 -8.76 4.61
CA ASN D 58 6.47 -9.60 5.32
C ASN D 58 5.64 -8.76 6.28
N THR D 59 4.57 -8.16 5.75
CA THR D 59 3.75 -7.22 6.50
C THR D 59 3.13 -7.80 7.76
N HIS D 60 3.13 -9.13 7.88
CA HIS D 60 2.52 -9.78 9.03
C HIS D 60 3.47 -9.84 10.23
N LEU D 61 4.70 -9.34 10.04
CA LEU D 61 5.67 -9.33 11.12
C LEU D 61 6.35 -7.97 11.24
N ALA D 62 6.44 -7.26 10.12
CA ALA D 62 7.04 -5.94 10.11
C ALA D 62 6.47 -5.07 8.99
N SER D 63 6.41 -3.77 9.23
CA SER D 63 5.87 -2.83 8.24
C SER D 63 6.90 -2.53 7.16
N VAL D 64 6.43 -1.99 6.04
CA VAL D 64 7.30 -1.67 4.91
C VAL D 64 8.30 -0.59 5.29
N GLN D 65 7.87 0.37 6.11
CA GLN D 65 8.72 1.48 6.53
C GLN D 65 9.88 1.00 7.39
N HIS D 66 9.55 0.19 8.39
CA HIS D 66 10.53 -0.37 9.32
C HIS D 66 11.59 -1.18 8.57
N VAL D 67 11.11 -2.12 7.77
CA VAL D 67 11.98 -2.95 6.94
C VAL D 67 12.83 -2.10 6.01
N LYS D 68 12.26 -1.03 5.48
CA LYS D 68 12.98 -0.13 4.59
C LYS D 68 14.16 0.52 5.30
N ASN D 69 13.92 0.97 6.53
CA ASN D 69 15.00 1.57 7.31
C ASN D 69 16.09 0.57 7.65
N LEU D 70 15.67 -0.63 8.07
CA LEU D 70 16.62 -1.70 8.39
C LEU D 70 17.49 -2.06 7.18
N LEU D 71 16.85 -2.12 6.01
CA LEU D 71 17.57 -2.41 4.79
C LEU D 71 18.47 -1.25 4.37
N LEU D 72 18.10 -0.04 4.76
CA LEU D 72 18.96 1.11 4.52
C LEU D 72 20.24 0.95 5.31
N ASP D 73 20.10 0.56 6.57
CA ASP D 73 21.26 0.28 7.41
C ASP D 73 22.11 -0.87 6.83
N GLU D 74 21.44 -1.94 6.40
CA GLU D 74 22.10 -3.10 5.81
C GLU D 74 22.93 -2.72 4.58
N LEU D 75 22.32 -1.95 3.68
CA LEU D 75 22.99 -1.49 2.47
C LEU D 75 24.14 -0.55 2.84
N GLN D 76 23.97 0.21 3.91
CA GLN D 76 25.04 1.06 4.42
C GLN D 76 26.24 0.20 4.80
N LYS D 77 25.98 -0.93 5.45
CA LYS D 77 27.05 -1.84 5.85
C LYS D 77 27.72 -2.54 4.66
N GLN D 78 26.91 -3.19 3.82
CA GLN D 78 27.44 -4.00 2.72
C GLN D 78 28.22 -3.19 1.69
N PHE D 79 27.65 -2.08 1.26
CA PHE D 79 28.23 -1.28 0.19
C PHE D 79 29.25 -0.27 0.71
N ASN D 80 29.69 -0.47 1.95
CA ASN D 80 30.72 0.35 2.58
C ASN D 80 30.45 1.85 2.51
N GLY D 81 29.17 2.22 2.58
CA GLY D 81 28.81 3.62 2.62
C GLY D 81 28.41 4.19 1.27
N LEU D 82 28.09 3.32 0.32
CA LEU D 82 27.59 3.76 -0.97
C LEU D 82 26.19 4.34 -0.81
N SER D 83 25.64 4.88 -1.90
CA SER D 83 24.33 5.53 -1.83
C SER D 83 23.37 5.07 -2.91
N VAL D 84 22.80 3.89 -2.73
CA VAL D 84 21.73 3.42 -3.60
C VAL D 84 20.39 3.57 -2.87
N PRO D 85 19.36 4.03 -3.58
CA PRO D 85 18.05 4.27 -2.97
C PRO D 85 17.24 3.00 -2.79
N ILE D 86 16.22 3.07 -1.94
CA ILE D 86 15.27 1.96 -1.80
C ILE D 86 13.85 2.48 -2.00
N LEU D 87 13.37 2.38 -3.22
CA LEU D 87 12.04 2.87 -3.59
C LEU D 87 10.94 1.95 -3.08
N GLN D 88 9.74 2.51 -2.91
CA GLN D 88 8.57 1.70 -2.60
C GLN D 88 7.58 1.77 -3.75
N HIS D 89 7.16 0.61 -4.24
CA HIS D 89 6.24 0.55 -5.38
C HIS D 89 4.87 1.10 -5.00
N PRO D 90 4.34 2.00 -5.83
CA PRO D 90 3.05 2.65 -5.57
C PRO D 90 1.87 1.71 -5.81
N ASP D 91 2.08 0.70 -6.66
CA ASP D 91 1.00 -0.24 -6.99
C ASP D 91 1.13 -1.51 -6.16
N LEU D 92 2.35 -1.99 -5.99
CA LEU D 92 2.62 -3.12 -5.10
C LEU D 92 3.11 -2.58 -3.76
N GLN D 93 2.16 -2.43 -2.84
CA GLN D 93 2.39 -1.71 -1.59
C GLN D 93 3.45 -2.33 -0.69
N ASP D 94 3.60 -3.64 -0.76
CA ASP D 94 4.54 -4.35 0.11
C ASP D 94 5.83 -4.74 -0.60
N VAL D 95 6.17 -4.02 -1.67
CA VAL D 95 7.37 -4.34 -2.44
C VAL D 95 8.38 -3.19 -2.46
N LEU D 96 9.61 -3.48 -2.08
CA LEU D 96 10.71 -2.53 -2.14
C LEU D 96 11.59 -2.78 -3.36
N LEU D 97 12.16 -1.71 -3.90
CA LEU D 97 12.95 -1.77 -5.12
C LEU D 97 14.32 -1.15 -4.92
N ILE D 98 15.37 -1.92 -5.22
CA ILE D 98 16.73 -1.42 -5.12
C ILE D 98 17.42 -1.51 -6.49
N PRO D 99 17.94 -0.37 -6.98
CA PRO D 99 18.52 -0.40 -8.33
C PRO D 99 19.84 -1.16 -8.39
N VAL D 100 20.09 -1.79 -9.54
CA VAL D 100 21.28 -2.61 -9.70
C VAL D 100 22.39 -1.84 -10.40
N ILE D 101 23.54 -1.75 -9.74
CA ILE D 101 24.67 -1.00 -10.29
C ILE D 101 25.51 -1.88 -11.20
N GLY D 102 25.50 -1.56 -12.49
CA GLY D 102 26.24 -2.33 -13.47
C GLY D 102 25.71 -2.13 -14.88
N PRO D 103 26.38 -2.72 -15.87
CA PRO D 103 27.56 -3.59 -15.67
C PRO D 103 28.85 -2.78 -15.56
N ARG D 104 29.86 -3.37 -14.93
CA ARG D 104 31.18 -2.75 -14.84
C ARG D 104 32.16 -3.47 -15.76
N LYS D 105 32.66 -2.75 -16.76
CA LYS D 105 33.52 -3.35 -17.77
C LYS D 105 35.01 -3.14 -17.48
N ASN D 106 35.30 -2.46 -16.38
CA ASN D 106 36.68 -2.13 -16.02
C ASN D 106 37.26 -3.04 -14.94
N ILE D 107 36.77 -4.28 -14.87
CA ILE D 107 37.26 -5.22 -13.86
C ILE D 107 38.46 -6.00 -14.39
N LYS D 108 39.59 -5.88 -13.69
CA LYS D 108 40.82 -6.53 -14.11
C LYS D 108 40.84 -7.99 -13.66
N LYS D 109 40.89 -8.89 -14.64
CA LYS D 109 40.80 -10.32 -14.39
C LYS D 109 42.07 -10.88 -13.75
N GLN D 110 41.92 -11.58 -12.63
CA GLN D 110 43.05 -12.17 -11.92
C GLN D 110 43.46 -13.50 -12.56
N GLN D 111 44.60 -14.03 -12.15
CA GLN D 111 45.12 -15.28 -12.69
C GLN D 111 44.54 -16.49 -11.96
N CYS D 112 44.20 -16.31 -10.69
CA CYS D 112 43.58 -17.38 -9.92
C CYS D 112 42.09 -17.42 -10.23
N GLU D 113 41.63 -18.53 -10.81
CA GLU D 113 40.26 -18.61 -11.30
C GLU D 113 39.42 -19.64 -10.55
N ALA D 114 38.11 -19.45 -10.58
CA ALA D 114 37.17 -20.41 -10.02
C ALA D 114 35.93 -20.50 -10.92
N ILE D 115 35.37 -21.70 -11.02
CA ILE D 115 34.22 -21.91 -11.90
C ILE D 115 33.02 -22.46 -11.13
N VAL D 116 31.89 -21.77 -11.25
CA VAL D 116 30.67 -22.19 -10.58
C VAL D 116 29.66 -22.72 -11.58
N GLY D 117 28.59 -23.34 -11.08
CA GLY D 117 27.52 -23.80 -11.93
C GLY D 117 26.78 -22.64 -12.56
N ALA D 118 26.08 -22.90 -13.64
CA ALA D 118 25.33 -21.87 -14.35
C ALA D 118 24.32 -21.18 -13.45
N GLN D 119 23.58 -22.00 -12.69
CA GLN D 119 22.59 -21.50 -11.75
C GLN D 119 23.23 -20.58 -10.71
N CYS D 120 24.32 -21.05 -10.12
CA CYS D 120 25.06 -20.27 -9.14
C CYS D 120 25.58 -18.98 -9.75
N GLY D 121 26.01 -19.05 -11.01
CA GLY D 121 26.43 -17.87 -11.74
C GLY D 121 25.32 -16.85 -11.84
N ASN D 122 24.15 -17.30 -12.28
CA ASN D 122 22.95 -16.45 -12.34
C ASN D 122 22.65 -15.81 -10.99
N ALA D 123 22.79 -16.60 -9.92
CA ALA D 123 22.59 -16.07 -8.57
C ALA D 123 23.59 -14.97 -8.25
N VAL D 124 24.86 -15.19 -8.63
CA VAL D 124 25.94 -14.23 -8.38
C VAL D 124 25.68 -12.92 -9.10
N LEU D 125 25.20 -13.01 -10.34
CA LEU D 125 24.85 -11.82 -11.12
C LEU D 125 23.72 -11.04 -10.45
N ARG D 126 22.92 -11.72 -9.65
CA ARG D 126 21.81 -11.08 -8.95
C ARG D 126 22.20 -10.63 -7.55
N GLY D 127 23.50 -10.65 -7.26
CA GLY D 127 24.02 -10.09 -6.02
C GLY D 127 24.33 -11.10 -4.93
N ALA D 128 24.38 -12.38 -5.29
CA ALA D 128 24.67 -13.42 -4.32
C ALA D 128 26.16 -13.70 -4.24
N HIS D 129 26.61 -14.20 -3.09
CA HIS D 129 27.98 -14.66 -2.95
C HIS D 129 28.08 -16.11 -3.40
N VAL D 130 29.29 -16.62 -3.46
CA VAL D 130 29.52 -18.00 -3.88
C VAL D 130 29.74 -18.91 -2.69
N TYR D 131 28.73 -19.71 -2.37
CA TYR D 131 28.83 -20.65 -1.25
C TYR D 131 29.39 -21.98 -1.74
N ALA D 132 30.05 -22.69 -0.83
CA ALA D 132 30.84 -23.89 -1.15
C ALA D 132 30.17 -24.90 -2.12
N PRO D 133 28.89 -25.23 -1.92
CA PRO D 133 28.31 -26.23 -2.84
C PRO D 133 28.21 -25.78 -4.31
N GLY D 134 28.51 -24.51 -4.58
CA GLY D 134 28.36 -23.96 -5.92
C GLY D 134 29.61 -24.08 -6.77
N ILE D 135 30.77 -24.13 -6.13
CA ILE D 135 32.04 -24.25 -6.84
C ILE D 135 32.22 -25.65 -7.43
N VAL D 136 32.43 -25.71 -8.74
CA VAL D 136 32.65 -27.00 -9.40
C VAL D 136 34.07 -27.12 -9.95
N SER D 137 34.79 -26.00 -9.94
CA SER D 137 36.17 -25.99 -10.42
C SER D 137 36.94 -24.79 -9.87
N ALA D 138 38.24 -24.97 -9.70
CA ALA D 138 39.09 -23.92 -9.16
C ALA D 138 40.56 -24.19 -9.48
N SER D 139 41.35 -23.12 -9.55
CA SER D 139 42.80 -23.24 -9.72
C SER D 139 43.38 -24.07 -8.59
N GLN D 140 44.25 -25.00 -8.94
CA GLN D 140 44.78 -25.96 -7.97
C GLN D 140 45.68 -25.30 -6.92
N PHE D 141 46.10 -24.06 -7.19
CA PHE D 141 47.00 -23.35 -6.30
C PHE D 141 46.28 -22.30 -5.47
N MET D 142 44.95 -22.41 -5.39
CA MET D 142 44.14 -21.43 -4.67
C MET D 142 44.23 -21.63 -3.16
N LYS D 143 44.53 -20.54 -2.46
CA LYS D 143 44.53 -20.55 -1.00
C LYS D 143 43.44 -19.63 -0.48
N ALA D 144 43.00 -19.86 0.75
CA ALA D 144 41.99 -19.00 1.37
C ALA D 144 42.55 -17.58 1.53
N GLY D 145 41.85 -16.61 0.96
CA GLY D 145 42.30 -15.23 1.03
C GLY D 145 42.76 -14.70 -0.31
N ASP D 146 42.96 -15.60 -1.26
CA ASP D 146 43.39 -15.23 -2.61
C ASP D 146 42.31 -14.45 -3.36
N VAL D 147 42.70 -13.32 -3.94
CA VAL D 147 41.80 -12.56 -4.80
C VAL D 147 41.60 -13.28 -6.13
N ILE D 148 40.44 -13.89 -6.29
CA ILE D 148 40.20 -14.72 -7.47
C ILE D 148 39.11 -14.18 -8.38
N SER D 149 39.10 -14.66 -9.63
CA SER D 149 38.10 -14.27 -10.60
C SER D 149 37.11 -15.41 -10.81
N VAL D 150 35.83 -15.13 -10.62
CA VAL D 150 34.79 -16.14 -10.76
C VAL D 150 34.21 -16.18 -12.17
N TYR D 151 34.14 -17.38 -12.74
CA TYR D 151 33.57 -17.57 -14.07
C TYR D 151 32.36 -18.52 -14.00
N SER D 152 31.39 -18.30 -14.88
CA SER D 152 30.19 -19.12 -14.90
C SER D 152 30.22 -20.16 -16.02
N ASP D 153 29.99 -21.42 -15.66
CA ASP D 153 29.91 -22.49 -16.65
C ASP D 153 28.50 -22.53 -17.24
N ILE D 154 28.22 -21.61 -18.15
CA ILE D 154 26.87 -21.40 -18.67
C ILE D 154 26.31 -22.62 -19.40
N LYS D 155 27.20 -23.44 -19.96
CA LYS D 155 26.77 -24.63 -20.70
C LYS D 155 26.61 -25.82 -19.76
N GLY D 156 27.19 -25.71 -18.58
CA GLY D 156 27.18 -26.80 -17.62
C GLY D 156 27.94 -28.00 -18.12
N LYS D 157 29.13 -27.75 -18.68
CA LYS D 157 29.93 -28.81 -19.29
C LYS D 157 31.24 -29.02 -18.54
N CYS D 158 31.33 -28.46 -17.34
CA CYS D 158 32.54 -28.61 -16.54
C CYS D 158 32.35 -29.73 -15.52
N LYS D 159 33.25 -30.71 -15.56
CA LYS D 159 33.18 -31.84 -14.64
C LYS D 159 33.84 -31.47 -13.32
N LYS D 160 33.12 -31.74 -12.23
CA LYS D 160 33.54 -31.31 -10.90
C LYS D 160 34.95 -31.77 -10.53
N GLY D 161 35.74 -30.84 -10.01
CA GLY D 161 37.10 -31.15 -9.58
C GLY D 161 38.16 -30.75 -10.59
N ALA D 162 37.75 -30.52 -11.84
CA ALA D 162 38.67 -30.16 -12.92
C ALA D 162 39.58 -28.99 -12.56
N LYS D 163 40.82 -29.05 -13.02
CA LYS D 163 41.79 -27.99 -12.75
C LYS D 163 41.94 -27.08 -13.96
N GLU D 164 41.26 -27.43 -15.04
CA GLU D 164 41.27 -26.62 -16.26
C GLU D 164 39.97 -26.81 -17.03
N PHE D 165 39.59 -25.82 -17.82
CA PHE D 165 38.33 -25.86 -18.54
C PHE D 165 38.42 -25.06 -19.84
N ASP D 166 38.28 -25.76 -20.97
CA ASP D 166 38.38 -25.11 -22.27
C ASP D 166 37.01 -24.72 -22.81
N GLY D 167 35.96 -25.06 -22.09
CA GLY D 167 34.61 -24.77 -22.51
C GLY D 167 34.26 -23.30 -22.38
N THR D 168 32.97 -23.00 -22.39
CA THR D 168 32.51 -21.62 -22.39
C THR D 168 32.36 -21.06 -20.98
N LYS D 169 33.14 -20.02 -20.69
CA LYS D 169 33.09 -19.35 -19.39
C LYS D 169 32.57 -17.94 -19.55
N VAL D 170 31.94 -17.41 -18.51
CA VAL D 170 31.53 -16.01 -18.50
C VAL D 170 31.98 -15.35 -17.20
N PHE D 171 32.74 -14.26 -17.34
CA PHE D 171 33.27 -13.54 -16.19
C PHE D 171 32.17 -12.88 -15.38
N LEU D 172 32.14 -13.15 -14.08
CA LEU D 172 31.09 -12.64 -13.19
C LEU D 172 31.62 -11.54 -12.29
N GLY D 173 32.94 -11.52 -12.11
CA GLY D 173 33.58 -10.55 -11.25
C GLY D 173 34.65 -11.18 -10.37
N ASN D 174 35.20 -10.39 -9.46
CA ASN D 174 36.25 -10.88 -8.57
C ASN D 174 35.78 -10.97 -7.13
N GLY D 175 36.39 -11.87 -6.37
CA GLY D 175 36.06 -12.04 -4.97
C GLY D 175 37.17 -12.69 -4.18
N ILE D 176 37.15 -12.49 -2.87
CA ILE D 176 38.13 -13.11 -1.99
C ILE D 176 37.70 -14.51 -1.58
N SER D 177 38.60 -15.46 -1.73
CA SER D 177 38.31 -16.85 -1.40
C SER D 177 38.47 -17.09 0.11
N GLU D 178 37.64 -17.98 0.65
CA GLU D 178 37.73 -18.33 2.06
C GLU D 178 38.01 -19.82 2.23
N LEU D 179 38.26 -20.49 1.10
CA LEU D 179 38.64 -21.90 1.10
C LEU D 179 39.73 -22.14 0.08
N SER D 180 40.54 -23.17 0.31
CA SER D 180 41.51 -23.62 -0.68
C SER D 180 40.85 -24.67 -1.56
N ARG D 181 41.45 -24.99 -2.70
CA ARG D 181 40.89 -26.00 -3.59
C ARG D 181 40.89 -27.35 -2.90
N LYS D 182 41.89 -27.59 -2.07
CA LYS D 182 41.99 -28.81 -1.29
C LYS D 182 40.77 -28.98 -0.39
N GLU D 183 40.49 -27.98 0.43
CA GLU D 183 39.37 -28.02 1.37
C GLU D 183 38.05 -28.33 0.65
N ILE D 184 37.94 -27.89 -0.59
CA ILE D 184 36.72 -28.08 -1.38
C ILE D 184 36.64 -29.47 -2.00
N PHE D 185 37.70 -29.90 -2.68
CA PHE D 185 37.62 -31.12 -3.49
C PHE D 185 38.38 -32.33 -2.95
N SER D 186 39.02 -32.20 -1.79
CA SER D 186 39.73 -33.34 -1.20
C SER D 186 38.81 -34.11 -0.27
N GLY D 187 38.80 -35.43 -0.44
CA GLY D 187 37.87 -36.28 0.29
C GLY D 187 36.48 -36.07 -0.28
N LEU D 188 35.46 -36.19 0.55
CA LEU D 188 34.11 -35.83 0.12
C LEU D 188 33.30 -35.14 1.23
N PRO D 189 33.79 -34.00 1.73
CA PRO D 189 32.97 -33.30 2.71
C PRO D 189 31.87 -32.49 2.03
N GLU D 190 30.61 -32.80 2.34
CA GLU D 190 29.50 -32.05 1.78
C GLU D 190 29.34 -30.74 2.54
N LEU D 191 30.41 -29.96 2.57
CA LEU D 191 30.51 -28.79 3.44
C LEU D 191 29.64 -27.62 2.96
N LYS D 192 29.22 -26.80 3.92
CA LYS D 192 28.43 -25.61 3.65
C LYS D 192 29.20 -24.39 4.10
N GLY D 193 28.68 -23.20 3.80
CA GLY D 193 29.31 -21.96 4.22
C GLY D 193 29.82 -21.12 3.08
N MET D 194 30.70 -20.17 3.38
CA MET D 194 31.19 -19.23 2.39
C MET D 194 32.38 -19.78 1.62
N GLY D 195 32.32 -19.71 0.30
CA GLY D 195 33.43 -20.08 -0.55
C GLY D 195 34.17 -18.88 -1.11
N ILE D 196 33.43 -17.98 -1.76
CA ILE D 196 34.02 -16.80 -2.39
C ILE D 196 33.21 -15.54 -2.10
N ARG D 197 33.75 -14.64 -1.28
CA ARG D 197 33.11 -13.37 -1.01
C ARG D 197 33.36 -12.37 -2.14
N MET D 198 32.32 -12.10 -2.93
CA MET D 198 32.42 -11.19 -4.07
C MET D 198 32.75 -9.76 -3.62
N THR D 199 33.84 -9.21 -4.16
CA THR D 199 34.26 -7.86 -3.81
C THR D 199 34.12 -6.91 -5.01
N GLU D 200 34.14 -7.48 -6.21
CA GLU D 200 33.95 -6.69 -7.42
C GLU D 200 33.12 -7.42 -8.46
N PRO D 201 31.79 -7.47 -8.28
CA PRO D 201 30.92 -8.13 -9.24
C PRO D 201 30.65 -7.25 -10.46
N VAL D 202 30.34 -7.85 -11.59
CA VAL D 202 29.96 -7.08 -12.78
C VAL D 202 28.69 -6.30 -12.49
N TYR D 203 27.71 -6.95 -11.88
CA TYR D 203 26.50 -6.27 -11.44
C TYR D 203 26.45 -6.24 -9.91
N LEU D 204 26.38 -5.03 -9.35
CA LEU D 204 26.41 -4.87 -7.91
C LEU D 204 25.02 -4.87 -7.30
N SER D 205 24.71 -5.92 -6.55
CA SER D 205 23.42 -6.05 -5.87
C SER D 205 23.63 -6.61 -4.47
N PRO D 206 22.75 -6.24 -3.53
CA PRO D 206 22.87 -6.67 -2.13
C PRO D 206 22.75 -8.20 -1.98
N SER D 207 23.45 -8.75 -1.01
CA SER D 207 23.35 -10.17 -0.71
C SER D 207 22.24 -10.39 0.32
N PHE D 208 21.26 -11.21 -0.03
CA PHE D 208 20.10 -11.44 0.84
C PHE D 208 20.10 -12.82 1.47
N ASP D 209 21.25 -13.25 1.99
CA ASP D 209 21.37 -14.58 2.56
C ASP D 209 20.69 -14.69 3.93
N SER D 210 21.30 -14.06 4.93
CA SER D 210 20.80 -14.16 6.30
C SER D 210 20.36 -12.82 6.86
N VAL D 211 19.92 -11.92 5.99
CA VAL D 211 19.48 -10.60 6.41
C VAL D 211 17.95 -10.54 6.54
N LEU D 212 17.49 -10.18 7.74
CA LEU D 212 16.06 -10.05 8.07
C LEU D 212 15.20 -11.20 7.53
N PRO D 213 15.50 -12.45 7.93
CA PRO D 213 14.84 -13.63 7.36
C PRO D 213 13.34 -13.69 7.64
N ARG D 214 12.90 -13.02 8.70
CA ARG D 214 11.50 -13.05 9.09
C ARG D 214 10.71 -11.88 8.51
N TYR D 215 11.43 -10.92 7.95
CA TYR D 215 10.79 -9.71 7.42
C TYR D 215 10.81 -9.66 5.89
N LEU D 216 11.82 -10.28 5.30
CA LEU D 216 12.03 -10.20 3.86
C LEU D 216 11.60 -11.45 3.12
N PHE D 217 11.49 -11.30 1.80
CA PHE D 217 11.40 -12.43 0.89
C PHE D 217 11.79 -11.97 -0.50
N LEU D 218 12.98 -12.36 -0.94
CA LEU D 218 13.44 -12.02 -2.28
C LEU D 218 12.51 -12.63 -3.31
N GLN D 219 11.94 -11.80 -4.16
CA GLN D 219 10.92 -12.24 -5.09
C GLN D 219 10.81 -11.28 -6.27
N ASN D 220 10.80 -11.83 -7.48
CA ASN D 220 10.67 -11.02 -8.69
C ASN D 220 9.33 -10.27 -8.70
N LEU D 221 9.35 -9.07 -9.28
CA LEU D 221 8.19 -8.19 -9.28
C LEU D 221 6.89 -8.84 -9.79
N PRO D 222 6.93 -9.55 -10.93
CA PRO D 222 5.67 -10.16 -11.35
C PRO D 222 5.18 -11.27 -10.41
N SER D 223 6.11 -12.00 -9.81
CA SER D 223 5.75 -13.08 -8.88
C SER D 223 5.04 -12.51 -7.66
N ALA D 224 5.49 -11.35 -7.21
CA ALA D 224 4.82 -10.65 -6.12
C ALA D 224 3.49 -10.08 -6.61
N LEU D 225 3.43 -9.71 -7.88
CA LEU D 225 2.23 -9.16 -8.47
C LEU D 225 1.10 -10.20 -8.50
N VAL D 226 1.47 -11.45 -8.72
CA VAL D 226 0.48 -12.53 -8.87
C VAL D 226 -0.49 -12.60 -7.68
N SER D 227 0.06 -12.64 -6.48
CA SER D 227 -0.77 -12.74 -5.28
C SER D 227 -1.70 -11.54 -5.13
N HIS D 228 -1.25 -10.38 -5.59
CA HIS D 228 -2.06 -9.17 -5.58
C HIS D 228 -3.22 -9.29 -6.57
N VAL D 229 -2.92 -9.82 -7.75
CA VAL D 229 -3.92 -10.01 -8.81
C VAL D 229 -4.99 -11.01 -8.37
N LEU D 230 -4.56 -12.09 -7.72
CA LEU D 230 -5.50 -13.08 -7.19
C LEU D 230 -6.45 -12.44 -6.19
N ASN D 231 -5.95 -11.46 -5.45
CA ASN D 231 -6.75 -10.67 -4.52
C ASN D 231 -7.52 -11.51 -3.50
N PRO D 232 -6.80 -12.20 -2.60
CA PRO D 232 -7.48 -13.01 -1.59
C PRO D 232 -8.06 -12.18 -0.45
N GLN D 233 -9.27 -12.51 -0.02
CA GLN D 233 -9.91 -11.83 1.10
C GLN D 233 -9.73 -12.62 2.40
N PRO D 234 -9.61 -11.91 3.54
CA PRO D 234 -9.50 -12.58 4.84
C PRO D 234 -10.69 -13.49 5.12
N GLY D 235 -10.42 -14.75 5.46
CA GLY D 235 -11.47 -15.69 5.78
C GLY D 235 -11.85 -16.62 4.65
N GLU D 236 -11.28 -16.38 3.47
CA GLU D 236 -11.56 -17.21 2.29
C GLU D 236 -10.75 -18.51 2.30
N LYS D 237 -11.05 -19.38 1.35
CA LYS D 237 -10.29 -20.61 1.18
C LYS D 237 -9.51 -20.55 -0.13
N ILE D 238 -8.18 -20.56 -0.03
CA ILE D 238 -7.33 -20.42 -1.19
C ILE D 238 -6.48 -21.67 -1.36
N LEU D 239 -6.26 -22.08 -2.60
CA LEU D 239 -5.40 -23.21 -2.91
C LEU D 239 -4.51 -22.95 -4.11
N ASP D 240 -3.21 -23.08 -3.93
CA ASP D 240 -2.30 -23.10 -5.06
C ASP D 240 -1.73 -24.50 -5.27
N LEU D 241 -2.05 -25.08 -6.42
CA LEU D 241 -1.68 -26.46 -6.74
C LEU D 241 -0.17 -26.68 -6.72
N CYS D 242 0.55 -25.76 -7.34
CA CYS D 242 2.01 -25.82 -7.35
C CYS D 242 2.54 -24.63 -6.55
N ALA D 243 3.01 -24.91 -5.33
CA ALA D 243 3.23 -23.86 -4.36
C ALA D 243 4.71 -23.66 -4.02
N ALA D 244 5.46 -24.76 -4.03
CA ALA D 244 6.85 -24.73 -3.57
C ALA D 244 7.70 -23.72 -4.31
N PRO D 245 8.62 -23.05 -3.60
CA PRO D 245 8.88 -23.19 -2.16
C PRO D 245 7.93 -22.38 -1.28
N GLY D 246 6.87 -21.83 -1.86
CA GLY D 246 5.83 -21.15 -1.11
C GLY D 246 6.02 -19.65 -0.95
N GLY D 247 6.54 -19.00 -2.00
CA GLY D 247 6.64 -17.55 -2.01
C GLY D 247 5.26 -16.93 -2.13
N LYS D 248 4.57 -17.29 -3.20
CA LYS D 248 3.23 -16.79 -3.45
C LYS D 248 2.26 -17.29 -2.39
N THR D 249 2.56 -18.45 -1.81
CA THR D 249 1.72 -19.01 -0.75
C THR D 249 1.76 -18.11 0.49
N THR D 250 2.96 -17.90 1.01
CA THR D 250 3.14 -17.03 2.18
C THR D 250 2.69 -15.61 1.90
N HIS D 251 2.83 -15.17 0.65
CA HIS D 251 2.35 -13.85 0.27
C HIS D 251 0.83 -13.76 0.38
N ILE D 252 0.15 -14.75 -0.20
CA ILE D 252 -1.31 -14.85 -0.10
C ILE D 252 -1.76 -14.87 1.37
N ALA D 253 -1.09 -15.68 2.18
CA ALA D 253 -1.41 -15.77 3.59
C ALA D 253 -1.22 -14.41 4.28
N ALA D 254 -0.17 -13.69 3.90
CA ALA D 254 0.11 -12.39 4.51
C ALA D 254 -0.91 -11.34 4.08
N LEU D 255 -1.43 -11.48 2.87
CA LEU D 255 -2.44 -10.56 2.35
C LEU D 255 -3.78 -10.75 3.06
N MET D 256 -4.00 -11.96 3.56
CA MET D 256 -5.23 -12.29 4.26
C MET D 256 -5.10 -12.03 5.75
N HIS D 257 -3.99 -11.38 6.14
CA HIS D 257 -3.67 -11.12 7.54
C HIS D 257 -3.61 -12.41 8.36
N ASP D 258 -3.29 -13.51 7.68
CA ASP D 258 -3.19 -14.84 8.29
C ASP D 258 -4.55 -15.30 8.81
N GLN D 259 -5.62 -14.70 8.29
CA GLN D 259 -6.97 -15.04 8.71
C GLN D 259 -7.69 -15.77 7.58
N GLY D 260 -7.73 -17.09 7.66
CA GLY D 260 -8.39 -17.90 6.65
C GLY D 260 -7.75 -19.27 6.53
N GLU D 261 -7.78 -19.82 5.32
CA GLU D 261 -7.22 -21.14 5.06
C GLU D 261 -6.51 -21.18 3.71
N VAL D 262 -5.20 -21.41 3.74
CA VAL D 262 -4.42 -21.49 2.51
C VAL D 262 -3.80 -22.88 2.37
N ILE D 263 -4.32 -23.66 1.43
CA ILE D 263 -3.85 -25.01 1.20
C ILE D 263 -2.83 -25.04 0.08
N ALA D 264 -1.64 -25.54 0.38
CA ALA D 264 -0.54 -25.57 -0.59
C ALA D 264 -0.15 -27.01 -0.91
N LEU D 265 -0.10 -27.35 -2.20
CA LEU D 265 0.26 -28.69 -2.62
C LEU D 265 1.59 -28.72 -3.37
N ASP D 266 2.27 -29.87 -3.34
CA ASP D 266 3.42 -30.07 -4.22
C ASP D 266 3.77 -31.56 -4.36
N LYS D 267 4.37 -31.91 -5.50
CA LYS D 267 4.67 -33.30 -5.79
C LYS D 267 5.90 -33.81 -5.04
N ILE D 268 6.90 -32.94 -4.87
CA ILE D 268 8.15 -33.33 -4.23
C ILE D 268 8.14 -33.00 -2.74
N PHE D 269 8.52 -33.98 -1.91
CA PHE D 269 8.48 -33.86 -0.46
C PHE D 269 9.32 -32.71 0.10
N ASN D 270 10.61 -32.73 -0.19
CA ASN D 270 11.55 -31.73 0.31
C ASN D 270 11.08 -30.30 0.05
N LYS D 271 10.46 -30.11 -1.11
CA LYS D 271 9.90 -28.82 -1.49
C LYS D 271 8.77 -28.42 -0.54
N VAL D 272 7.90 -29.38 -0.23
CA VAL D 272 6.82 -29.16 0.74
C VAL D 272 7.38 -28.78 2.09
N GLU D 273 8.44 -29.48 2.49
CA GLU D 273 9.14 -29.15 3.73
C GLU D 273 9.66 -27.71 3.70
N LYS D 274 10.10 -27.28 2.53
CA LYS D 274 10.58 -25.91 2.37
C LYS D 274 9.43 -24.91 2.51
N ILE D 275 8.26 -25.28 1.98
CA ILE D 275 7.05 -24.49 2.18
C ILE D 275 6.75 -24.30 3.65
N LYS D 276 6.67 -25.42 4.38
CA LYS D 276 6.38 -25.38 5.80
C LYS D 276 7.41 -24.55 6.57
N GLN D 277 8.69 -24.72 6.22
CA GLN D 277 9.76 -23.97 6.84
C GLN D 277 9.58 -22.46 6.62
N ASN D 278 9.22 -22.09 5.39
CA ASN D 278 8.97 -20.69 5.07
C ASN D 278 7.79 -20.10 5.83
N ALA D 279 6.69 -20.85 5.87
CA ALA D 279 5.49 -20.41 6.60
C ALA D 279 5.79 -20.21 8.08
N LEU D 280 6.46 -21.18 8.68
CA LEU D 280 6.83 -21.10 10.09
C LEU D 280 7.78 -19.93 10.34
N LEU D 281 8.69 -19.70 9.39
CA LEU D 281 9.65 -18.62 9.50
C LEU D 281 8.99 -17.24 9.48
N LEU D 282 8.10 -17.04 8.52
CA LEU D 282 7.47 -15.73 8.33
C LEU D 282 6.29 -15.49 9.28
N GLY D 283 5.91 -16.50 10.04
CA GLY D 283 4.89 -16.33 11.07
C GLY D 283 3.45 -16.51 10.59
N LEU D 284 3.28 -17.19 9.46
CA LEU D 284 1.94 -17.46 8.94
C LEU D 284 1.44 -18.81 9.45
N ASN D 285 0.24 -18.81 10.01
CA ASN D 285 -0.30 -20.03 10.62
C ASN D 285 -1.48 -20.61 9.84
N SER D 286 -1.94 -19.89 8.83
CA SER D 286 -3.08 -20.32 8.04
C SER D 286 -2.68 -21.19 6.86
N ILE D 287 -1.39 -21.47 6.75
CA ILE D 287 -0.86 -22.25 5.64
C ILE D 287 -0.74 -23.73 5.99
N ARG D 288 -1.35 -24.58 5.17
CA ARG D 288 -1.25 -26.02 5.35
C ARG D 288 -0.72 -26.70 4.08
N ALA D 289 0.46 -27.30 4.19
CA ALA D 289 1.16 -27.85 3.04
C ALA D 289 1.07 -29.37 2.97
N PHE D 290 0.93 -29.89 1.76
CA PHE D 290 0.81 -31.32 1.53
C PHE D 290 1.62 -31.78 0.32
N CYS D 291 2.28 -32.93 0.47
CA CYS D 291 2.94 -33.58 -0.64
C CYS D 291 1.90 -34.38 -1.42
N PHE D 292 1.57 -33.92 -2.62
CA PHE D 292 0.46 -34.49 -3.36
C PHE D 292 0.49 -34.10 -4.84
N ASP D 293 -0.02 -34.99 -5.68
CA ASP D 293 -0.09 -34.73 -7.12
C ASP D 293 -1.30 -33.86 -7.44
N GLY D 294 -1.04 -32.64 -7.92
CA GLY D 294 -2.08 -31.69 -8.24
C GLY D 294 -3.08 -32.20 -9.27
N THR D 295 -2.59 -33.01 -10.21
CA THR D 295 -3.44 -33.55 -11.27
C THR D 295 -4.49 -34.53 -10.72
N LYS D 296 -4.21 -35.07 -9.54
CA LYS D 296 -5.11 -36.05 -8.94
C LYS D 296 -5.71 -35.51 -7.63
N ALA D 297 -6.00 -34.22 -7.62
CA ALA D 297 -6.42 -33.55 -6.39
C ALA D 297 -7.94 -33.47 -6.25
N VAL D 298 -8.65 -33.93 -7.27
CA VAL D 298 -10.11 -33.94 -7.21
C VAL D 298 -10.62 -35.27 -6.65
N LYS D 299 -11.44 -35.17 -5.61
CA LYS D 299 -11.98 -36.35 -4.93
C LYS D 299 -12.91 -37.15 -5.83
N LEU D 300 -12.72 -38.47 -5.85
CA LEU D 300 -13.53 -39.36 -6.68
C LEU D 300 -14.10 -40.51 -5.87
N GLY D 308 -9.74 -33.36 6.09
CA GLY D 308 -9.14 -32.08 5.77
C GLY D 308 -8.01 -32.20 4.77
N GLU D 309 -7.40 -33.39 4.70
CA GLU D 309 -6.29 -33.63 3.78
C GLU D 309 -6.78 -33.78 2.35
N PRO D 310 -5.86 -33.68 1.36
CA PRO D 310 -6.24 -33.90 -0.04
C PRO D 310 -6.47 -35.37 -0.34
N PRO D 311 -7.20 -35.70 -1.42
CA PRO D 311 -7.84 -34.80 -2.39
C PRO D 311 -9.04 -34.06 -1.83
N PHE D 312 -9.56 -33.08 -2.59
CA PHE D 312 -10.65 -32.25 -2.11
C PHE D 312 -11.89 -32.39 -2.98
N LEU D 313 -13.05 -32.18 -2.38
CA LEU D 313 -14.32 -32.18 -3.11
C LEU D 313 -14.35 -31.04 -4.12
N PRO D 314 -14.99 -31.27 -5.28
CA PRO D 314 -15.12 -30.23 -6.29
C PRO D 314 -15.88 -29.01 -5.78
N GLU D 315 -15.53 -27.83 -6.28
CA GLU D 315 -16.15 -26.56 -5.88
C GLU D 315 -16.08 -26.35 -4.37
N SER D 316 -14.89 -26.49 -3.81
CA SER D 316 -14.72 -26.33 -2.36
C SER D 316 -13.67 -25.28 -2.01
N PHE D 317 -13.20 -24.54 -3.02
CA PHE D 317 -12.22 -23.50 -2.80
C PHE D 317 -12.69 -22.15 -3.34
N ASP D 318 -12.50 -21.10 -2.56
CA ASP D 318 -12.89 -19.76 -2.96
C ASP D 318 -12.00 -19.25 -4.08
N ARG D 319 -10.69 -19.38 -3.91
CA ARG D 319 -9.76 -18.95 -4.95
C ARG D 319 -8.66 -19.98 -5.20
N ILE D 320 -8.23 -20.07 -6.46
CA ILE D 320 -7.19 -21.03 -6.82
C ILE D 320 -6.09 -20.41 -7.68
N LEU D 321 -4.85 -20.60 -7.24
CA LEU D 321 -3.69 -20.09 -7.97
C LEU D 321 -2.91 -21.22 -8.65
N LEU D 322 -2.98 -21.27 -9.97
CA LEU D 322 -2.18 -22.20 -10.74
C LEU D 322 -0.89 -21.55 -11.22
N ASP D 323 0.13 -21.57 -10.38
CA ASP D 323 1.46 -21.16 -10.78
C ASP D 323 2.13 -22.35 -11.46
N ALA D 324 1.59 -22.72 -12.62
CA ALA D 324 1.93 -23.95 -13.31
C ALA D 324 3.41 -24.06 -13.63
N PRO D 325 3.93 -25.30 -13.65
CA PRO D 325 5.31 -25.54 -14.09
C PRO D 325 5.46 -25.19 -15.57
N CYS D 326 6.62 -24.64 -15.93
CA CYS D 326 6.83 -24.15 -17.28
C CYS D 326 8.28 -24.30 -17.72
N SER D 327 8.55 -23.95 -18.98
CA SER D 327 9.88 -24.05 -19.54
C SER D 327 10.88 -23.14 -18.84
N GLY D 328 10.38 -22.02 -18.31
CA GLY D 328 11.23 -21.10 -17.58
C GLY D 328 12.07 -20.24 -18.50
N MET D 329 11.62 -20.11 -19.75
CA MET D 329 12.36 -19.36 -20.76
C MET D 329 12.47 -17.88 -20.40
N GLY D 330 11.58 -17.41 -19.54
CA GLY D 330 11.53 -16.02 -19.14
C GLY D 330 12.56 -15.65 -18.08
N GLN D 331 13.29 -16.65 -17.59
CA GLN D 331 14.28 -16.43 -16.53
C GLN D 331 15.38 -15.46 -16.95
N ARG D 332 15.69 -14.53 -16.05
CA ARG D 332 16.82 -13.62 -16.25
C ARG D 332 17.65 -13.53 -14.97
N PRO D 333 18.98 -13.66 -15.10
CA PRO D 333 19.67 -13.86 -16.38
C PRO D 333 19.78 -15.33 -16.77
N ASN D 334 19.50 -15.61 -18.04
CA ASN D 334 19.66 -16.95 -18.60
C ASN D 334 20.57 -16.89 -19.82
N MET D 335 21.86 -17.15 -19.61
CA MET D 335 22.86 -16.96 -20.66
C MET D 335 22.93 -18.13 -21.64
N ALA D 336 22.44 -19.29 -21.22
CA ALA D 336 22.45 -20.47 -22.08
C ALA D 336 21.42 -21.50 -21.64
N CYS D 337 20.81 -22.16 -22.61
CA CYS D 337 19.83 -23.21 -22.34
C CYS D 337 20.05 -24.41 -23.25
N THR D 338 20.61 -25.48 -22.68
CA THR D 338 20.92 -26.68 -23.44
C THR D 338 19.78 -27.69 -23.41
N TRP D 339 18.57 -27.24 -23.72
CA TRP D 339 17.40 -28.10 -23.70
C TRP D 339 16.99 -28.55 -25.09
N SER D 340 16.38 -29.73 -25.16
CA SER D 340 15.75 -30.21 -26.38
C SER D 340 14.41 -29.51 -26.60
N VAL D 341 13.95 -29.47 -27.84
CA VAL D 341 12.66 -28.85 -28.15
C VAL D 341 11.53 -29.64 -27.49
N LYS D 342 11.64 -30.96 -27.51
CA LYS D 342 10.67 -31.82 -26.86
C LYS D 342 10.54 -31.48 -25.37
N GLU D 343 11.66 -31.13 -24.76
CA GLU D 343 11.71 -30.79 -23.34
C GLU D 343 11.02 -29.46 -23.05
N VAL D 344 11.21 -28.48 -23.94
CA VAL D 344 10.65 -27.15 -23.75
C VAL D 344 9.13 -27.17 -23.85
N ALA D 345 8.60 -27.91 -24.82
CA ALA D 345 7.17 -27.99 -25.05
C ALA D 345 6.52 -29.12 -24.26
N SER D 346 7.28 -29.72 -23.35
CA SER D 346 6.81 -30.87 -22.58
C SER D 346 5.87 -30.52 -21.43
N TYR D 347 5.46 -29.25 -21.36
CA TYR D 347 4.72 -28.78 -20.20
C TYR D 347 3.23 -28.57 -20.46
N GLN D 348 2.89 -28.21 -21.70
CA GLN D 348 1.49 -27.93 -22.07
C GLN D 348 0.46 -28.97 -21.59
N PRO D 349 0.73 -30.28 -21.79
CA PRO D 349 -0.25 -31.26 -21.30
C PRO D 349 -0.43 -31.22 -19.78
N LEU D 350 0.67 -31.14 -19.06
CA LEU D 350 0.64 -31.11 -17.61
C LEU D 350 -0.07 -29.85 -17.11
N GLN D 351 0.24 -28.72 -17.74
CA GLN D 351 -0.44 -27.46 -17.46
C GLN D 351 -1.94 -27.59 -17.65
N ARG D 352 -2.34 -28.26 -18.72
CA ARG D 352 -3.75 -28.44 -19.02
C ARG D 352 -4.45 -29.35 -18.00
N LYS D 353 -3.77 -30.41 -17.58
CA LYS D 353 -4.30 -31.31 -16.57
C LYS D 353 -4.52 -30.57 -15.24
N LEU D 354 -3.46 -29.88 -14.81
CA LEU D 354 -3.53 -29.10 -13.58
C LEU D 354 -4.61 -28.03 -13.66
N PHE D 355 -4.77 -27.45 -14.84
CA PHE D 355 -5.79 -26.44 -15.07
C PHE D 355 -7.18 -27.03 -14.89
N THR D 356 -7.41 -28.19 -15.50
CA THR D 356 -8.69 -28.89 -15.38
C THR D 356 -8.99 -29.19 -13.91
N ALA D 357 -8.03 -29.77 -13.22
CA ALA D 357 -8.16 -30.05 -11.80
C ALA D 357 -8.49 -28.79 -11.00
N ALA D 358 -7.88 -27.67 -11.38
CA ALA D 358 -8.14 -26.39 -10.74
C ALA D 358 -9.59 -25.94 -10.94
N VAL D 359 -10.05 -25.99 -12.19
CA VAL D 359 -11.40 -25.57 -12.53
C VAL D 359 -12.44 -26.42 -11.80
N GLN D 360 -12.20 -27.71 -11.70
CA GLN D 360 -13.11 -28.61 -10.99
C GLN D 360 -13.21 -28.28 -9.51
N LEU D 361 -12.10 -27.82 -8.92
CA LEU D 361 -12.04 -27.55 -7.49
C LEU D 361 -12.48 -26.14 -7.12
N LEU D 362 -12.93 -25.37 -8.11
CA LEU D 362 -13.24 -23.96 -7.90
C LEU D 362 -14.73 -23.73 -7.66
N LYS D 363 -15.04 -23.05 -6.56
CA LYS D 363 -16.42 -22.63 -6.28
C LYS D 363 -16.92 -21.69 -7.36
N PRO D 364 -18.23 -21.68 -7.61
CA PRO D 364 -18.81 -20.70 -8.54
C PRO D 364 -18.57 -19.28 -8.05
N GLU D 365 -18.42 -18.34 -8.98
CA GLU D 365 -18.06 -16.95 -8.67
C GLU D 365 -16.67 -16.88 -8.04
N GLY D 366 -15.90 -17.94 -8.17
CA GLY D 366 -14.55 -17.99 -7.62
C GLY D 366 -13.53 -17.47 -8.62
N VAL D 367 -12.32 -17.23 -8.15
CA VAL D 367 -11.28 -16.67 -9.01
C VAL D 367 -10.14 -17.66 -9.20
N LEU D 368 -9.76 -17.85 -10.46
CA LEU D 368 -8.64 -18.73 -10.81
C LEU D 368 -7.57 -17.93 -11.53
N VAL D 369 -6.39 -17.84 -10.93
CA VAL D 369 -5.28 -17.13 -11.56
C VAL D 369 -4.26 -18.11 -12.13
N TYR D 370 -4.07 -18.07 -13.44
CA TYR D 370 -3.10 -18.95 -14.09
C TYR D 370 -1.86 -18.14 -14.45
N SER D 371 -0.70 -18.59 -13.99
CA SER D 371 0.52 -17.81 -14.19
C SER D 371 1.73 -18.68 -14.51
N THR D 372 2.53 -18.23 -15.48
CA THR D 372 3.77 -18.89 -15.84
C THR D 372 4.93 -17.91 -15.84
N CYS D 373 6.16 -18.42 -15.83
CA CYS D 373 7.33 -17.55 -15.97
C CYS D 373 8.04 -17.84 -17.28
N THR D 374 7.27 -18.21 -18.30
CA THR D 374 7.80 -18.45 -19.63
C THR D 374 7.24 -17.45 -20.62
N ILE D 375 7.78 -17.44 -21.84
CA ILE D 375 7.41 -16.47 -22.85
C ILE D 375 6.72 -17.12 -24.05
N THR D 376 6.72 -18.45 -24.07
CA THR D 376 6.14 -19.21 -25.17
C THR D 376 4.64 -19.02 -25.29
N LEU D 377 4.14 -18.97 -26.52
CA LEU D 377 2.70 -18.88 -26.77
C LEU D 377 1.97 -20.13 -26.30
N ALA D 378 2.57 -21.29 -26.56
CA ALA D 378 1.94 -22.57 -26.27
C ALA D 378 1.60 -22.75 -24.80
N GLU D 379 2.34 -22.05 -23.93
CA GLU D 379 2.16 -22.20 -22.50
C GLU D 379 1.38 -21.03 -21.89
N ASN D 380 1.19 -19.98 -22.68
CA ASN D 380 0.49 -18.79 -22.20
C ASN D 380 -0.86 -18.57 -22.89
N GLU D 381 -0.87 -17.67 -23.87
CA GLU D 381 -2.09 -17.28 -24.55
C GLU D 381 -2.87 -18.47 -25.13
N GLU D 382 -2.14 -19.43 -25.68
CA GLU D 382 -2.75 -20.63 -26.25
C GLU D 382 -3.53 -21.39 -25.19
N GLN D 383 -2.97 -21.44 -23.99
CA GLN D 383 -3.61 -22.10 -22.85
C GLN D 383 -4.84 -21.31 -22.42
N VAL D 384 -4.79 -20.00 -22.58
CA VAL D 384 -5.93 -19.15 -22.23
C VAL D 384 -7.09 -19.40 -23.19
N ALA D 385 -6.79 -19.45 -24.48
CA ALA D 385 -7.80 -19.75 -25.50
C ALA D 385 -8.38 -21.15 -25.27
N TRP D 386 -7.50 -22.12 -25.08
CA TRP D 386 -7.91 -23.49 -24.80
C TRP D 386 -8.82 -23.57 -23.59
N ALA D 387 -8.46 -22.84 -22.54
CA ALA D 387 -9.24 -22.82 -21.30
C ALA D 387 -10.62 -22.22 -21.54
N LEU D 388 -10.64 -21.11 -22.27
CA LEU D 388 -11.89 -20.42 -22.55
C LEU D 388 -12.81 -21.25 -23.45
N THR D 389 -12.20 -22.14 -24.24
CA THR D 389 -12.98 -23.02 -25.11
C THR D 389 -13.51 -24.25 -24.37
N LYS D 390 -12.63 -24.99 -23.72
CA LYS D 390 -13.00 -26.22 -23.02
C LYS D 390 -13.92 -25.93 -21.84
N PHE D 391 -13.63 -24.86 -21.11
CA PHE D 391 -14.46 -24.45 -19.98
C PHE D 391 -15.19 -23.15 -20.30
N PRO D 392 -16.47 -23.25 -20.65
CA PRO D 392 -17.28 -22.07 -20.99
C PRO D 392 -17.81 -21.36 -19.75
N CYS D 393 -17.74 -22.04 -18.61
CA CYS D 393 -18.15 -21.43 -17.34
C CYS D 393 -17.14 -20.37 -16.92
N LEU D 394 -15.87 -20.60 -17.25
CA LEU D 394 -14.82 -19.61 -17.01
C LEU D 394 -15.00 -18.40 -17.90
N GLN D 395 -14.59 -17.23 -17.40
CA GLN D 395 -14.64 -16.00 -18.17
C GLN D 395 -13.46 -15.10 -17.81
N LEU D 396 -12.81 -14.55 -18.82
CA LEU D 396 -11.60 -13.76 -18.63
C LEU D 396 -11.91 -12.45 -17.91
N GLN D 397 -11.12 -12.16 -16.87
CA GLN D 397 -11.31 -10.96 -16.05
C GLN D 397 -10.16 -9.97 -16.21
N PRO D 398 -10.46 -8.68 -16.08
CA PRO D 398 -9.40 -7.66 -16.00
C PRO D 398 -8.65 -7.79 -14.68
N GLN D 399 -7.42 -7.28 -14.62
CA GLN D 399 -6.60 -7.47 -13.43
C GLN D 399 -6.20 -6.15 -12.76
N GLU D 400 -5.94 -6.23 -11.45
CA GLU D 400 -5.43 -5.12 -10.67
C GLU D 400 -4.38 -5.62 -9.68
N PRO D 401 -3.19 -4.99 -9.68
CA PRO D 401 -2.78 -3.88 -10.54
C PRO D 401 -2.36 -4.32 -11.93
N GLN D 402 -2.55 -3.46 -12.93
CA GLN D 402 -2.06 -3.71 -14.27
C GLN D 402 -0.67 -3.11 -14.41
N ILE D 403 0.33 -3.95 -14.64
CA ILE D 403 1.71 -3.50 -14.68
C ILE D 403 2.43 -3.93 -15.95
N GLY D 404 2.21 -5.17 -16.35
CA GLY D 404 2.89 -5.71 -17.52
C GLY D 404 2.16 -5.37 -18.81
N GLY D 405 2.75 -5.78 -19.92
CA GLY D 405 2.16 -5.53 -21.23
C GLY D 405 0.94 -6.39 -21.47
N GLU D 406 0.27 -6.17 -22.60
CA GLU D 406 -0.88 -6.97 -22.97
C GLU D 406 -0.46 -8.28 -23.59
N GLY D 407 -1.42 -9.18 -23.80
CA GLY D 407 -1.14 -10.48 -24.36
C GLY D 407 -0.58 -10.41 -25.77
N MET D 408 0.19 -11.42 -26.15
CA MET D 408 0.79 -11.48 -27.47
C MET D 408 -0.15 -12.12 -28.49
N ARG D 409 -0.24 -11.52 -29.67
CA ARG D 409 -1.11 -12.04 -30.72
C ARG D 409 -0.63 -13.40 -31.21
N GLY D 410 -1.57 -14.28 -31.52
CA GLY D 410 -1.22 -15.59 -32.03
C GLY D 410 -2.19 -16.69 -31.66
N ALA D 411 -2.78 -16.59 -30.47
CA ALA D 411 -3.67 -17.62 -29.97
C ALA D 411 -5.08 -17.46 -30.53
N GLY D 412 -5.32 -16.35 -31.21
CA GLY D 412 -6.61 -16.10 -31.82
C GLY D 412 -7.57 -15.42 -30.87
N LEU D 413 -7.01 -14.74 -29.86
CA LEU D 413 -7.81 -13.97 -28.92
C LEU D 413 -8.06 -12.57 -29.48
N SER D 414 -9.08 -11.90 -28.94
CA SER D 414 -9.41 -10.55 -29.37
C SER D 414 -8.54 -9.54 -28.63
N CYS D 415 -8.47 -8.32 -29.16
CA CYS D 415 -7.70 -7.26 -28.51
C CYS D 415 -8.20 -7.00 -27.10
N GLU D 416 -9.51 -7.06 -26.92
CA GLU D 416 -10.11 -6.88 -25.60
C GLU D 416 -9.72 -8.00 -24.65
N GLN D 417 -9.56 -9.21 -25.18
CA GLN D 417 -9.12 -10.35 -24.39
C GLN D 417 -7.64 -10.23 -24.05
N LEU D 418 -6.84 -9.75 -25.00
CA LEU D 418 -5.41 -9.58 -24.80
C LEU D 418 -5.10 -8.48 -23.79
N LYS D 419 -5.94 -7.46 -23.77
CA LYS D 419 -5.78 -6.35 -22.83
C LYS D 419 -6.00 -6.81 -21.38
N GLN D 420 -6.72 -7.92 -21.20
CA GLN D 420 -7.02 -8.42 -19.87
C GLN D 420 -5.93 -9.37 -19.36
N LEU D 421 -4.94 -9.63 -20.20
CA LEU D 421 -3.81 -10.48 -19.81
C LEU D 421 -2.63 -9.61 -19.41
N GLN D 422 -1.74 -10.15 -18.59
CA GLN D 422 -0.53 -9.42 -18.26
C GLN D 422 0.72 -10.20 -18.66
N ARG D 423 1.37 -9.76 -19.73
CA ARG D 423 2.59 -10.40 -20.20
C ARG D 423 3.77 -9.45 -20.03
N PHE D 424 4.77 -9.90 -19.27
CA PHE D 424 5.96 -9.11 -19.07
C PHE D 424 7.00 -9.43 -20.13
N ASP D 425 7.41 -8.40 -20.86
CA ASP D 425 8.33 -8.57 -21.97
C ASP D 425 9.69 -7.94 -21.65
N PRO D 426 10.73 -8.78 -21.58
CA PRO D 426 12.10 -8.31 -21.31
C PRO D 426 12.60 -7.33 -22.37
N SER D 427 12.03 -7.41 -23.57
CA SER D 427 12.44 -6.55 -24.67
C SER D 427 11.61 -5.26 -24.77
N ALA D 428 10.90 -4.94 -23.69
CA ALA D 428 10.05 -3.74 -23.68
C ALA D 428 10.89 -2.47 -23.70
N VAL D 429 11.94 -2.42 -22.89
CA VAL D 429 12.79 -1.24 -22.78
C VAL D 429 14.26 -1.61 -22.91
N PRO D 430 15.10 -0.66 -23.35
CA PRO D 430 16.54 -0.91 -23.49
C PRO D 430 17.21 -1.22 -22.15
N LEU D 431 18.33 -1.94 -22.20
CA LEU D 431 19.08 -2.31 -21.00
C LEU D 431 19.82 -1.10 -20.42
N PRO D 432 19.40 -0.67 -19.21
CA PRO D 432 20.01 0.49 -18.57
C PRO D 432 21.36 0.18 -17.91
N ASP D 433 22.42 0.85 -18.36
CA ASP D 433 23.72 0.68 -17.73
C ASP D 433 23.86 1.66 -16.56
N THR D 434 23.29 1.25 -15.42
CA THR D 434 23.29 2.08 -14.22
C THR D 434 24.65 2.26 -13.55
N ASP D 435 25.07 3.51 -13.42
CA ASP D 435 26.22 3.88 -12.62
C ASP D 435 25.76 4.98 -11.66
N MET D 436 26.57 5.29 -10.66
CA MET D 436 26.18 6.26 -9.63
C MET D 436 25.74 7.60 -10.23
N ASP D 437 26.36 7.98 -11.35
CA ASP D 437 26.01 9.22 -12.02
C ASP D 437 24.63 9.10 -12.65
N SER D 438 24.31 7.90 -13.14
CA SER D 438 22.98 7.64 -13.69
C SER D 438 21.95 7.63 -12.57
N LEU D 439 22.36 7.15 -11.40
CA LEU D 439 21.49 7.15 -10.22
C LEU D 439 21.12 8.56 -9.80
N ARG D 440 22.13 9.40 -9.62
CA ARG D 440 21.92 10.76 -9.15
C ARG D 440 21.00 11.57 -10.06
N GLU D 441 21.16 11.40 -11.38
CA GLU D 441 20.41 12.18 -12.35
C GLU D 441 19.19 11.42 -12.88
N ALA D 442 18.63 10.54 -12.05
CA ALA D 442 17.49 9.72 -12.47
C ALA D 442 16.17 10.16 -11.85
N ARG D 443 15.21 10.48 -12.72
CA ARG D 443 13.85 10.78 -12.29
C ARG D 443 13.19 9.51 -11.74
N ARG D 444 12.40 9.65 -10.69
CA ARG D 444 11.81 8.50 -10.01
C ARG D 444 10.85 7.68 -10.87
N GLU D 445 10.05 8.35 -11.70
CA GLU D 445 9.07 7.65 -12.52
C GLU D 445 9.78 6.80 -13.56
N ASP D 446 11.01 7.19 -13.89
CA ASP D 446 11.82 6.48 -14.87
C ASP D 446 12.31 5.19 -14.23
N MET D 447 12.68 5.30 -12.96
CA MET D 447 13.05 4.13 -12.18
C MET D 447 11.89 3.16 -12.04
N LEU D 448 10.71 3.68 -11.71
CA LEU D 448 9.53 2.84 -11.54
C LEU D 448 9.14 2.13 -12.84
N ARG D 449 9.19 2.88 -13.95
CA ARG D 449 8.87 2.31 -15.25
C ARG D 449 9.91 1.26 -15.61
N LEU D 450 11.17 1.53 -15.24
CA LEU D 450 12.25 0.58 -15.46
C LEU D 450 12.00 -0.73 -14.72
N ALA D 451 11.63 -0.62 -13.45
CA ALA D 451 11.35 -1.78 -12.63
C ALA D 451 10.14 -2.55 -13.17
N ASN D 452 9.18 -1.82 -13.73
CA ASN D 452 7.98 -2.43 -14.28
C ASN D 452 8.21 -3.14 -15.61
N LYS D 453 9.20 -2.65 -16.38
CA LYS D 453 9.42 -3.17 -17.72
C LYS D 453 10.63 -4.09 -17.83
N ASP D 454 11.76 -3.68 -17.27
CA ASP D 454 12.96 -4.51 -17.29
C ASP D 454 12.91 -5.59 -16.22
N SER D 455 12.11 -6.61 -16.46
CA SER D 455 11.94 -7.71 -15.51
C SER D 455 12.03 -9.05 -16.21
N ILE D 456 11.87 -10.11 -15.44
CA ILE D 456 11.88 -11.46 -15.99
C ILE D 456 10.67 -11.67 -16.89
N GLY D 457 10.68 -12.76 -17.66
CA GLY D 457 9.53 -13.10 -18.48
C GLY D 457 8.46 -13.71 -17.60
N PHE D 458 7.23 -13.25 -17.78
CA PHE D 458 6.13 -13.70 -16.93
C PHE D 458 4.79 -13.53 -17.63
N PHE D 459 3.80 -14.31 -17.21
CA PHE D 459 2.48 -14.28 -17.81
C PHE D 459 1.40 -14.55 -16.77
N ILE D 460 0.42 -13.65 -16.69
CA ILE D 460 -0.68 -13.75 -15.74
C ILE D 460 -2.04 -13.63 -16.43
N ALA D 461 -2.91 -14.59 -16.14
CA ALA D 461 -4.27 -14.60 -16.66
C ALA D 461 -5.27 -14.80 -15.52
N LYS D 462 -6.37 -14.06 -15.56
CA LYS D 462 -7.37 -14.11 -14.50
C LYS D 462 -8.70 -14.64 -15.00
N PHE D 463 -9.32 -15.55 -14.23
CA PHE D 463 -10.57 -16.18 -14.63
C PHE D 463 -11.61 -16.16 -13.50
N VAL D 464 -12.88 -16.12 -13.89
CA VAL D 464 -13.97 -16.21 -12.93
C VAL D 464 -14.98 -17.28 -13.36
N LYS D 465 -15.51 -18.01 -12.39
CA LYS D 465 -16.44 -19.10 -12.65
C LYS D 465 -17.89 -18.64 -12.50
N CYS D 466 -18.80 -19.25 -13.26
CA CYS D 466 -20.22 -18.89 -13.18
C CYS D 466 -21.03 -19.97 -12.47
#